data_2ISD
#
_entry.id   2ISD
#
_cell.length_a   397.360
_cell.length_b   397.360
_cell.length_c   397.360
_cell.angle_alpha   90.00
_cell.angle_beta   90.00
_cell.angle_gamma   90.00
#
_symmetry.space_group_name_H-M   'F 41 3 2'
#
loop_
_entity.id
_entity.type
_entity.pdbx_description
1 polymer 'PHOSPHOINOSITIDE-SPECIFIC PHOSPHOLIPASE C, ISOZYME DELTA1'
2 non-polymer 'ACETATE ION'
3 water water
#
_entity_poly.entity_id   1
_entity_poly.type   'polypeptide(L)'
_entity_poly.pdbx_seq_one_letter_code
;GSMDQRQKLQHWIHSCLRKADKNKDNKMNFKELKDFLKELNIQVDDGYARKIFRECDHSQTDSLEDEEIETFYKMLTQRA
EIDRAFEEAAGSAETLSVERLVTFLQHQQREEEAGPALALSLIERYEPSETAKAQRQMTKDGFLMYLLSADGNAFSLAHR
RVYQDMDQPLSHYLVSSSHNTYLLEDQLTGPSSTEAYIRALCKGCRCLELDCWDGPNQEPIIYHGYTFTSKILFCDVLRA
IRDYAFKASPYPVILSLENHCSLEQQRVMARHLRAILGPILLDQPLDGVTTSLPSPEQLKGKILLKGKKLGGLLPAGGEN
GSEATDVSDEVEAAEMEDEAVRSQVQHKPKEDKLKLVPELSDMIIYCKSVHFGGFSSPGTSGQAFYEMASFSESRALRLL
QESGNGFVRHNVSCLSRIYPAGWRTDSSNYSPVEMWNGGCQIVALNFQTPGPEMDVYLGCFQDNGGCGYVLKPAFLRDPN
TTFNSRALTQGPWWRPERLRVRIISGQQLPKVNKNKNSIVDPKVIVEIHGVGRDTGSRQTAVITNNGFNPRWDMEFEFEV
TVPDLALVRFMVEDYDSSSKNDFIGQSTIPWNSLKQGYRHVHLLSKNGDQHPSATLFVKISIQD
;
_entity_poly.pdbx_strand_id   A,B
#
loop_
_chem_comp.id
_chem_comp.type
_chem_comp.name
_chem_comp.formula
ACT non-polymer 'ACETATE ION' 'C2 H3 O2 -1'
#
# COMPACT_ATOMS: atom_id res chain seq x y z
N GLU A 68 0.93 -40.07 -32.45
CA GLU A 68 1.98 -39.47 -31.62
C GLU A 68 2.91 -38.56 -32.43
N ILE A 69 2.93 -38.76 -33.75
CA ILE A 69 3.77 -37.98 -34.68
C ILE A 69 3.42 -36.47 -34.67
N GLU A 70 2.12 -36.19 -34.66
CA GLU A 70 1.67 -34.82 -34.60
C GLU A 70 1.68 -34.57 -33.10
N THR A 71 1.27 -35.60 -32.34
CA THR A 71 1.25 -35.55 -30.88
C THR A 71 2.60 -35.03 -30.39
N PHE A 72 3.68 -35.61 -30.92
CA PHE A 72 5.05 -35.20 -30.57
C PHE A 72 5.18 -33.68 -30.75
N TYR A 73 5.09 -33.25 -32.01
CA TYR A 73 5.19 -31.83 -32.37
C TYR A 73 4.15 -31.03 -31.55
N LYS A 74 2.90 -31.48 -31.64
CA LYS A 74 1.82 -30.84 -30.92
C LYS A 74 2.02 -30.82 -29.40
N MET A 75 2.53 -31.92 -28.83
CA MET A 75 2.75 -32.03 -27.37
C MET A 75 3.97 -31.26 -26.92
N LEU A 76 5.01 -31.31 -27.74
CA LEU A 76 6.25 -30.63 -27.44
C LEU A 76 5.95 -29.15 -27.52
N THR A 77 5.62 -28.73 -28.73
CA THR A 77 5.30 -27.35 -29.06
C THR A 77 4.13 -26.74 -28.25
N GLN A 78 3.62 -27.45 -27.25
CA GLN A 78 2.48 -26.93 -26.48
C GLN A 78 2.84 -26.07 -25.25
N ARG A 79 2.20 -24.88 -25.14
CA ARG A 79 2.45 -23.96 -24.02
C ARG A 79 1.20 -23.57 -23.27
N ALA A 80 1.05 -24.13 -22.08
CA ALA A 80 -0.11 -23.87 -21.26
C ALA A 80 -0.32 -22.42 -20.90
N GLU A 81 0.77 -21.73 -20.59
CA GLU A 81 0.68 -20.35 -20.19
C GLU A 81 0.07 -19.58 -21.35
N ILE A 82 0.41 -20.01 -22.56
CA ILE A 82 -0.13 -19.35 -23.73
C ILE A 82 -1.62 -19.63 -23.84
N ASP A 83 -1.98 -20.88 -23.61
CA ASP A 83 -3.37 -21.28 -23.67
C ASP A 83 -4.21 -20.47 -22.71
N ARG A 84 -3.80 -20.48 -21.44
CA ARG A 84 -4.45 -19.73 -20.40
C ARG A 84 -4.68 -18.29 -20.83
N ALA A 85 -3.60 -17.67 -21.31
CA ALA A 85 -3.69 -16.28 -21.70
C ALA A 85 -4.71 -16.09 -22.80
N PHE A 86 -4.69 -16.97 -23.79
CA PHE A 86 -5.62 -16.82 -24.89
C PHE A 86 -6.99 -16.96 -24.32
N GLU A 87 -7.17 -17.99 -23.51
CA GLU A 87 -8.45 -18.27 -22.90
C GLU A 87 -8.96 -17.05 -22.20
N GLU A 88 -8.22 -16.61 -21.21
CA GLU A 88 -8.56 -15.43 -20.46
C GLU A 88 -8.89 -14.25 -21.39
N ALA A 89 -8.22 -14.14 -22.51
CA ALA A 89 -8.49 -13.04 -23.39
C ALA A 89 -9.71 -13.27 -24.25
N ALA A 90 -9.80 -14.46 -24.84
CA ALA A 90 -10.91 -14.78 -25.74
C ALA A 90 -12.10 -15.38 -25.01
N GLY A 91 -11.89 -15.75 -23.76
CA GLY A 91 -12.96 -16.36 -22.98
C GLY A 91 -13.43 -17.68 -23.60
N SER A 92 -14.74 -17.76 -23.88
CA SER A 92 -15.36 -18.96 -24.45
C SER A 92 -14.91 -19.20 -25.87
N ALA A 93 -15.08 -18.17 -26.71
CA ALA A 93 -14.74 -18.20 -28.13
C ALA A 93 -13.47 -18.94 -28.43
N GLU A 94 -13.45 -19.52 -29.61
CA GLU A 94 -12.30 -20.27 -30.02
C GLU A 94 -11.41 -19.25 -30.70
N THR A 95 -11.94 -18.05 -30.82
CA THR A 95 -11.28 -16.99 -31.52
C THR A 95 -11.29 -15.67 -30.77
N LEU A 96 -10.43 -14.74 -31.16
CA LEU A 96 -10.42 -13.42 -30.59
C LEU A 96 -10.89 -12.52 -31.73
N SER A 97 -11.95 -11.78 -31.45
CA SER A 97 -12.50 -10.86 -32.41
C SER A 97 -11.77 -9.58 -32.17
N VAL A 98 -11.75 -8.74 -33.18
CA VAL A 98 -11.13 -7.44 -33.09
C VAL A 98 -11.49 -6.70 -31.83
N GLU A 99 -12.75 -6.75 -31.46
CA GLU A 99 -13.13 -6.09 -30.25
C GLU A 99 -12.51 -6.72 -29.01
N ARG A 100 -12.34 -8.04 -29.02
CA ARG A 100 -11.74 -8.69 -27.86
C ARG A 100 -10.22 -8.48 -27.86
N LEU A 101 -9.65 -8.44 -29.04
CA LEU A 101 -8.22 -8.23 -29.18
C LEU A 101 -7.95 -6.86 -28.56
N VAL A 102 -8.71 -5.87 -29.04
CA VAL A 102 -8.57 -4.50 -28.56
C VAL A 102 -8.58 -4.44 -27.06
N THR A 103 -9.53 -5.11 -26.46
CA THR A 103 -9.60 -5.09 -25.01
C THR A 103 -8.36 -5.68 -24.42
N PHE A 104 -7.81 -6.69 -25.09
CA PHE A 104 -6.59 -7.31 -24.60
C PHE A 104 -5.44 -6.28 -24.71
N LEU A 105 -5.30 -5.71 -25.90
CA LEU A 105 -4.28 -4.72 -26.18
C LEU A 105 -4.28 -3.59 -25.17
N GLN A 106 -5.48 -3.32 -24.69
CA GLN A 106 -5.67 -2.25 -23.74
C GLN A 106 -5.52 -2.72 -22.33
N HIS A 107 -6.35 -3.66 -21.97
CA HIS A 107 -6.34 -4.08 -20.61
C HIS A 107 -5.10 -4.82 -20.19
N GLN A 108 -4.59 -5.67 -21.08
CA GLN A 108 -3.40 -6.47 -20.77
C GLN A 108 -2.09 -5.84 -21.21
N GLN A 109 -1.99 -5.55 -22.50
CA GLN A 109 -0.80 -5.02 -23.10
C GLN A 109 -0.61 -3.54 -22.85
N ARG A 110 -1.66 -2.91 -22.34
CA ARG A 110 -1.65 -1.50 -22.00
C ARG A 110 -1.15 -0.59 -23.14
N GLU A 111 -1.62 -0.87 -24.35
CA GLU A 111 -1.21 -0.06 -25.48
C GLU A 111 -1.96 1.25 -25.50
N GLU A 112 -1.27 2.34 -25.80
CA GLU A 112 -1.90 3.64 -25.84
C GLU A 112 -2.71 3.76 -27.13
N GLU A 113 -2.14 3.24 -28.19
CA GLU A 113 -2.80 3.26 -29.47
C GLU A 113 -3.78 2.09 -29.58
N ALA A 114 -4.13 1.51 -28.44
CA ALA A 114 -5.07 0.40 -28.42
C ALA A 114 -6.36 0.85 -29.10
N GLY A 115 -6.77 0.08 -30.10
CA GLY A 115 -7.97 0.36 -30.87
C GLY A 115 -8.03 -0.53 -32.08
N PRO A 116 -9.16 -0.54 -32.73
CA PRO A 116 -9.39 -1.36 -33.90
C PRO A 116 -8.29 -1.29 -34.95
N ALA A 117 -7.73 -0.11 -35.16
CA ALA A 117 -6.68 0.03 -36.16
C ALA A 117 -5.47 -0.86 -35.85
N LEU A 118 -5.02 -0.81 -34.60
CA LEU A 118 -3.88 -1.60 -34.14
C LEU A 118 -4.23 -3.08 -34.22
N ALA A 119 -5.31 -3.45 -33.55
CA ALA A 119 -5.80 -4.82 -33.54
C ALA A 119 -5.82 -5.42 -34.94
N LEU A 120 -6.41 -4.70 -35.85
CA LEU A 120 -6.50 -5.18 -37.20
C LEU A 120 -5.17 -5.37 -37.83
N SER A 121 -4.26 -4.44 -37.58
CA SER A 121 -2.93 -4.53 -38.18
C SER A 121 -2.26 -5.77 -37.64
N LEU A 122 -2.44 -6.03 -36.35
CA LEU A 122 -1.83 -7.18 -35.73
C LEU A 122 -2.32 -8.41 -36.45
N ILE A 123 -3.64 -8.55 -36.58
CA ILE A 123 -4.20 -9.70 -37.27
C ILE A 123 -3.69 -9.82 -38.70
N GLU A 124 -3.65 -8.71 -39.42
CA GLU A 124 -3.20 -8.78 -40.81
C GLU A 124 -1.78 -9.22 -40.86
N ARG A 125 -1.03 -8.78 -39.87
CA ARG A 125 0.38 -9.05 -39.81
C ARG A 125 0.72 -10.42 -39.26
N TYR A 126 -0.05 -10.89 -38.30
CA TYR A 126 0.31 -12.12 -37.65
C TYR A 126 -0.60 -13.33 -37.78
N GLU A 127 -1.87 -13.13 -38.13
CA GLU A 127 -2.79 -14.28 -38.23
C GLU A 127 -2.52 -15.22 -39.38
N PRO A 128 -2.37 -16.50 -39.06
CA PRO A 128 -2.06 -17.52 -40.06
C PRO A 128 -3.30 -18.02 -40.83
N SER A 129 -4.41 -18.18 -40.11
CA SER A 129 -5.67 -18.66 -40.69
C SER A 129 -6.33 -17.67 -41.64
N GLU A 130 -6.47 -18.06 -42.91
CA GLU A 130 -7.09 -17.19 -43.90
C GLU A 130 -8.54 -16.82 -43.52
N THR A 131 -9.26 -17.77 -42.98
CA THR A 131 -10.60 -17.52 -42.54
C THR A 131 -10.61 -16.41 -41.51
N ALA A 132 -10.05 -16.69 -40.33
CA ALA A 132 -10.00 -15.70 -39.26
C ALA A 132 -9.41 -14.36 -39.67
N LYS A 133 -8.41 -14.40 -40.50
CA LYS A 133 -7.79 -13.18 -40.97
C LYS A 133 -8.88 -12.39 -41.69
N ALA A 134 -9.39 -12.97 -42.78
CA ALA A 134 -10.45 -12.39 -43.61
C ALA A 134 -11.60 -11.91 -42.75
N GLN A 135 -11.96 -12.72 -41.77
CA GLN A 135 -13.07 -12.40 -40.87
C GLN A 135 -12.68 -11.51 -39.71
N ARG A 136 -11.52 -10.88 -39.85
CA ARG A 136 -10.98 -9.99 -38.85
C ARG A 136 -10.56 -10.63 -37.54
N GLN A 137 -10.67 -11.94 -37.38
CA GLN A 137 -10.37 -12.55 -36.07
C GLN A 137 -8.97 -13.11 -35.82
N MET A 138 -8.65 -13.43 -34.57
CA MET A 138 -7.35 -13.98 -34.24
C MET A 138 -7.46 -15.31 -33.52
N THR A 139 -6.78 -16.30 -34.05
CA THR A 139 -6.78 -17.62 -33.45
C THR A 139 -5.66 -17.66 -32.43
N LYS A 140 -5.62 -18.71 -31.65
CA LYS A 140 -4.58 -18.83 -30.65
C LYS A 140 -3.20 -18.80 -31.31
N ASP A 141 -3.12 -19.37 -32.50
CA ASP A 141 -1.87 -19.39 -33.22
C ASP A 141 -1.42 -18.01 -33.57
N GLY A 142 -2.34 -17.19 -34.07
CA GLY A 142 -2.03 -15.83 -34.43
C GLY A 142 -1.67 -15.09 -33.17
N PHE A 143 -2.32 -15.46 -32.08
CA PHE A 143 -2.09 -14.85 -30.78
C PHE A 143 -0.61 -15.05 -30.44
N LEU A 144 -0.19 -16.30 -30.51
CA LEU A 144 1.19 -16.66 -30.24
C LEU A 144 2.13 -15.99 -31.18
N MET A 145 1.83 -16.00 -32.46
CA MET A 145 2.72 -15.35 -33.37
C MET A 145 2.89 -13.86 -33.04
N TYR A 146 1.82 -13.22 -32.61
CA TYR A 146 1.91 -11.82 -32.28
C TYR A 146 2.90 -11.65 -31.13
N LEU A 147 2.66 -12.44 -30.07
CA LEU A 147 3.44 -12.45 -28.84
C LEU A 147 4.94 -12.74 -29.01
N LEU A 148 5.27 -13.43 -30.08
CA LEU A 148 6.66 -13.75 -30.34
C LEU A 148 7.25 -12.76 -31.31
N SER A 149 6.42 -11.92 -31.88
CA SER A 149 6.85 -10.94 -32.86
C SER A 149 7.54 -9.74 -32.21
N ALA A 150 7.97 -8.82 -33.08
CA ALA A 150 8.59 -7.57 -32.65
C ALA A 150 7.56 -6.78 -31.87
N ASP A 151 6.28 -7.03 -32.13
CA ASP A 151 5.17 -6.35 -31.45
C ASP A 151 4.93 -6.96 -30.08
N GLY A 152 5.30 -8.23 -29.92
CA GLY A 152 5.15 -8.92 -28.64
C GLY A 152 6.40 -8.79 -27.78
N ASN A 153 7.48 -8.27 -28.39
CA ASN A 153 8.76 -8.05 -27.72
C ASN A 153 8.64 -7.13 -26.50
N ALA A 154 9.33 -7.50 -25.42
CA ALA A 154 9.34 -6.68 -24.22
C ALA A 154 10.05 -5.37 -24.48
N PHE A 155 10.88 -5.35 -25.49
CA PHE A 155 11.56 -4.11 -25.86
C PHE A 155 10.68 -3.41 -26.91
N SER A 156 10.14 -2.26 -26.54
CA SER A 156 9.27 -1.46 -27.40
C SER A 156 9.69 -1.31 -28.84
N LEU A 157 8.91 -1.91 -29.73
CA LEU A 157 9.15 -1.81 -31.16
C LEU A 157 9.19 -0.38 -31.62
N ALA A 158 8.37 0.46 -31.03
CA ALA A 158 8.32 1.85 -31.42
C ALA A 158 9.63 2.55 -31.15
N HIS A 159 10.36 2.09 -30.15
CA HIS A 159 11.60 2.73 -29.78
C HIS A 159 12.76 2.21 -30.55
N ARG A 160 12.47 1.27 -31.44
CA ARG A 160 13.52 0.70 -32.26
C ARG A 160 13.67 1.43 -33.57
N ARG A 161 13.28 2.70 -33.57
CA ARG A 161 13.40 3.60 -34.73
C ARG A 161 13.71 4.97 -34.12
N VAL A 162 14.44 5.81 -34.84
CA VAL A 162 14.75 7.12 -34.25
C VAL A 162 13.48 7.84 -33.96
N TYR A 163 13.26 8.18 -32.70
CA TYR A 163 12.01 8.84 -32.35
C TYR A 163 12.16 10.03 -31.45
N GLN A 164 13.41 10.35 -31.09
CA GLN A 164 13.63 11.47 -30.20
C GLN A 164 14.00 12.76 -30.90
N ASP A 165 14.04 13.83 -30.12
CA ASP A 165 14.39 15.14 -30.65
C ASP A 165 15.86 15.12 -30.89
N MET A 166 16.24 15.21 -32.17
CA MET A 166 17.63 15.19 -32.53
C MET A 166 18.19 16.57 -32.92
N ASP A 167 17.56 17.60 -32.33
CA ASP A 167 17.90 19.00 -32.60
C ASP A 167 18.57 19.77 -31.49
N GLN A 168 18.91 19.11 -30.40
CA GLN A 168 19.56 19.79 -29.32
C GLN A 168 21.05 19.66 -29.45
N PRO A 169 21.78 20.45 -28.67
CA PRO A 169 23.23 20.46 -28.71
C PRO A 169 23.66 19.07 -28.30
N LEU A 170 24.76 18.62 -28.89
CA LEU A 170 25.29 17.31 -28.60
C LEU A 170 25.37 17.01 -27.13
N SER A 171 25.76 17.99 -26.33
CA SER A 171 25.94 17.77 -24.90
C SER A 171 24.67 17.23 -24.22
N HIS A 172 23.55 17.32 -24.94
CA HIS A 172 22.26 16.88 -24.43
C HIS A 172 21.92 15.41 -24.66
N TYR A 173 22.84 14.66 -25.25
CA TYR A 173 22.59 13.25 -25.57
C TYR A 173 23.62 12.36 -24.91
N LEU A 174 23.29 11.08 -24.77
CA LEU A 174 24.25 10.10 -24.31
C LEU A 174 24.76 9.62 -25.67
N VAL A 175 26.07 9.43 -25.80
CA VAL A 175 26.62 9.02 -27.07
C VAL A 175 27.36 7.70 -26.93
N SER A 176 27.12 6.78 -27.87
CA SER A 176 27.78 5.49 -27.83
C SER A 176 29.26 5.69 -28.11
N SER A 177 30.11 5.37 -27.13
CA SER A 177 31.53 5.60 -27.21
C SER A 177 32.35 4.38 -26.91
N SER A 178 33.43 4.23 -27.66
CA SER A 178 34.33 3.09 -27.56
C SER A 178 35.69 3.53 -27.01
N HIS A 179 36.38 2.66 -26.29
CA HIS A 179 37.67 3.01 -25.73
C HIS A 179 38.75 2.20 -26.39
N ASN A 180 39.79 2.88 -26.88
CA ASN A 180 40.92 2.26 -27.55
C ASN A 180 40.37 1.30 -28.54
N THR A 181 39.47 1.83 -29.34
CA THR A 181 38.73 1.08 -30.32
C THR A 181 39.49 0.09 -31.17
N TYR A 182 40.73 0.42 -31.46
CA TYR A 182 41.55 -0.43 -32.29
C TYR A 182 41.86 -1.84 -31.71
N LEU A 183 41.68 -2.02 -30.41
CA LEU A 183 42.02 -3.27 -29.75
C LEU A 183 40.96 -4.34 -29.80
N LEU A 184 41.39 -5.57 -30.05
CA LEU A 184 40.48 -6.69 -30.13
C LEU A 184 40.52 -7.48 -28.84
N GLU A 185 41.51 -7.25 -28.00
CA GLU A 185 41.61 -8.00 -26.76
C GLU A 185 42.09 -7.19 -25.57
N ASP A 186 43.20 -7.64 -24.94
CA ASP A 186 43.77 -6.95 -23.77
C ASP A 186 44.49 -5.67 -24.13
N GLN A 187 44.82 -4.86 -23.12
CA GLN A 187 45.48 -3.59 -23.35
C GLN A 187 47.03 -3.65 -23.49
N LEU A 188 47.62 -4.81 -23.24
CA LEU A 188 49.06 -4.93 -23.20
C LEU A 188 49.79 -5.60 -24.33
N THR A 189 49.27 -6.73 -24.76
CA THR A 189 49.93 -7.45 -25.83
C THR A 189 48.98 -8.06 -26.88
N GLY A 190 47.69 -7.82 -26.74
CA GLY A 190 46.75 -8.38 -27.69
C GLY A 190 46.83 -7.64 -29.01
N PRO A 191 46.03 -8.11 -29.98
CA PRO A 191 46.04 -7.54 -31.30
C PRO A 191 45.20 -6.32 -31.51
N SER A 192 45.56 -5.53 -32.50
CA SER A 192 44.77 -4.38 -32.90
C SER A 192 44.33 -4.76 -34.31
N SER A 193 43.22 -4.19 -34.76
CA SER A 193 42.73 -4.47 -36.12
C SER A 193 41.67 -3.50 -36.56
N THR A 194 41.62 -3.27 -37.86
CA THR A 194 40.61 -2.36 -38.40
C THR A 194 39.27 -3.04 -38.12
N GLU A 195 39.32 -4.35 -38.03
CA GLU A 195 38.15 -5.14 -37.73
C GLU A 195 37.52 -4.63 -36.46
N ALA A 196 38.34 -4.32 -35.46
CA ALA A 196 37.84 -3.81 -34.21
C ALA A 196 37.02 -2.56 -34.41
N TYR A 197 37.44 -1.70 -35.33
CA TYR A 197 36.70 -0.46 -35.62
C TYR A 197 35.40 -0.79 -36.36
N ILE A 198 35.48 -1.74 -37.29
CA ILE A 198 34.31 -2.11 -38.05
C ILE A 198 33.22 -2.65 -37.13
N ARG A 199 33.59 -3.56 -36.24
CA ARG A 199 32.64 -4.10 -35.27
C ARG A 199 31.96 -3.05 -34.44
N ALA A 200 32.73 -2.16 -33.87
CA ALA A 200 32.14 -1.16 -33.00
C ALA A 200 31.16 -0.30 -33.75
N LEU A 201 31.52 0.05 -34.98
CA LEU A 201 30.66 0.91 -35.79
C LEU A 201 29.37 0.14 -36.09
N CYS A 202 29.53 -1.15 -36.36
CA CYS A 202 28.39 -2.01 -36.63
C CYS A 202 27.51 -2.19 -35.39
N LYS A 203 28.08 -1.98 -34.21
CA LYS A 203 27.26 -2.07 -33.01
C LYS A 203 26.71 -0.69 -32.70
N GLY A 204 26.85 0.25 -33.65
CA GLY A 204 26.31 1.60 -33.49
C GLY A 204 27.19 2.64 -32.82
N CYS A 205 28.44 2.30 -32.55
CA CYS A 205 29.33 3.23 -31.89
C CYS A 205 29.50 4.54 -32.61
N ARG A 206 29.49 5.65 -31.89
CA ARG A 206 29.69 6.97 -32.50
C ARG A 206 31.07 7.57 -32.27
N CYS A 207 31.64 7.40 -31.07
CA CYS A 207 32.98 7.93 -30.79
C CYS A 207 33.98 6.85 -30.70
N LEU A 208 34.97 6.97 -31.56
CA LEU A 208 36.06 6.01 -31.68
C LEU A 208 37.39 6.64 -31.27
N GLU A 209 38.36 5.81 -30.92
CA GLU A 209 39.64 6.32 -30.50
C GLU A 209 40.81 5.84 -31.34
N LEU A 210 41.65 6.77 -31.75
CA LEU A 210 42.85 6.43 -32.52
C LEU A 210 44.05 6.96 -31.79
N ASP A 211 44.95 6.04 -31.42
CA ASP A 211 46.18 6.40 -30.71
C ASP A 211 47.28 6.34 -31.76
N CYS A 212 47.65 7.53 -32.26
CA CYS A 212 48.63 7.66 -33.34
C CYS A 212 50.11 7.85 -33.01
N TRP A 213 50.91 7.04 -33.66
CA TRP A 213 52.33 7.05 -33.47
C TRP A 213 53.03 6.99 -34.83
N ASP A 214 54.24 7.51 -34.91
CA ASP A 214 55.02 7.50 -36.16
C ASP A 214 55.25 6.05 -36.60
N GLY A 215 55.14 5.76 -37.89
CA GLY A 215 55.39 4.39 -38.34
C GLY A 215 56.47 4.40 -39.40
N PRO A 216 56.90 3.21 -39.82
CA PRO A 216 57.90 3.06 -40.86
C PRO A 216 57.40 3.70 -42.16
N ASN A 217 58.34 4.06 -43.04
CA ASN A 217 58.04 4.67 -44.32
C ASN A 217 57.09 5.86 -44.23
N GLN A 218 57.24 6.64 -43.16
CA GLN A 218 56.43 7.84 -43.05
C GLN A 218 54.96 7.56 -42.97
N GLU A 219 54.61 6.36 -42.60
CA GLU A 219 53.19 6.06 -42.48
C GLU A 219 52.80 5.93 -41.01
N PRO A 220 51.96 6.86 -40.54
CA PRO A 220 51.52 6.84 -39.14
C PRO A 220 50.83 5.52 -38.83
N ILE A 221 51.09 4.99 -37.66
CA ILE A 221 50.45 3.75 -37.25
C ILE A 221 49.57 3.98 -36.02
N ILE A 222 48.83 2.95 -35.64
CA ILE A 222 47.96 3.02 -34.47
C ILE A 222 48.16 1.77 -33.64
N TYR A 223 48.30 1.97 -32.33
CA TYR A 223 48.46 0.89 -31.37
C TYR A 223 48.42 1.51 -29.99
N HIS A 224 48.51 0.69 -28.96
CA HIS A 224 48.47 1.20 -27.59
C HIS A 224 49.86 1.62 -27.12
N GLY A 225 50.06 2.93 -27.07
CA GLY A 225 51.32 3.52 -26.66
C GLY A 225 51.98 2.85 -25.46
N TYR A 226 53.25 2.52 -25.61
CA TYR A 226 54.02 1.90 -24.54
C TYR A 226 53.63 0.50 -24.19
N THR A 227 53.10 -0.26 -25.13
CA THR A 227 52.76 -1.64 -24.78
C THR A 227 53.21 -2.49 -25.92
N PHE A 228 52.90 -3.78 -25.85
CA PHE A 228 53.25 -4.71 -26.89
C PHE A 228 52.05 -5.09 -27.74
N THR A 229 51.05 -4.23 -27.80
CA THR A 229 49.90 -4.58 -28.60
C THR A 229 50.30 -4.44 -30.06
N SER A 230 49.79 -5.34 -30.92
CA SER A 230 50.00 -5.29 -32.36
C SER A 230 49.60 -3.95 -32.99
N LYS A 231 50.11 -3.69 -34.19
CA LYS A 231 49.94 -2.41 -34.79
C LYS A 231 49.14 -2.44 -36.07
N ILE A 232 48.70 -1.26 -36.49
CA ILE A 232 47.97 -1.11 -37.73
C ILE A 232 48.22 0.26 -38.32
N LEU A 233 47.81 0.46 -39.57
CA LEU A 233 47.98 1.74 -40.23
C LEU A 233 46.87 2.74 -39.99
N PHE A 234 47.28 3.97 -39.78
CA PHE A 234 46.35 5.05 -39.60
C PHE A 234 45.49 5.15 -40.86
N CYS A 235 46.10 5.07 -42.05
CA CYS A 235 45.31 5.20 -43.27
C CYS A 235 44.28 4.10 -43.40
N ASP A 236 44.67 2.88 -43.11
CA ASP A 236 43.77 1.74 -43.19
C ASP A 236 42.58 1.92 -42.25
N VAL A 237 42.86 2.42 -41.06
CA VAL A 237 41.80 2.62 -40.11
C VAL A 237 40.82 3.60 -40.69
N LEU A 238 41.32 4.70 -41.23
CA LEU A 238 40.47 5.72 -41.82
C LEU A 238 39.54 5.19 -42.94
N ARG A 239 40.05 4.28 -43.75
CA ARG A 239 39.22 3.77 -44.82
C ARG A 239 38.05 2.97 -44.25
N ALA A 240 38.35 2.13 -43.27
CA ALA A 240 37.34 1.29 -42.64
C ALA A 240 36.27 2.17 -41.98
N ILE A 241 36.71 3.24 -41.36
CA ILE A 241 35.77 4.12 -40.71
C ILE A 241 34.93 4.80 -41.74
N ARG A 242 35.57 5.20 -42.82
CA ARG A 242 34.85 5.85 -43.91
C ARG A 242 33.77 4.90 -44.43
N ASP A 243 34.15 3.65 -44.61
CA ASP A 243 33.20 2.69 -45.11
C ASP A 243 32.11 2.27 -44.17
N TYR A 244 32.27 2.47 -42.87
CA TYR A 244 31.23 1.97 -41.97
C TYR A 244 30.61 2.97 -41.07
N ALA A 245 31.16 4.17 -41.08
CA ALA A 245 30.69 5.23 -40.20
C ALA A 245 29.21 5.37 -40.08
N PHE A 246 28.50 5.23 -41.18
CA PHE A 246 27.06 5.43 -41.10
C PHE A 246 26.22 4.24 -41.44
N LYS A 247 26.84 3.08 -41.46
CA LYS A 247 26.09 1.89 -41.78
C LYS A 247 24.97 1.69 -40.80
N ALA A 248 25.20 2.04 -39.53
CA ALA A 248 24.18 1.83 -38.51
C ALA A 248 23.45 3.09 -38.10
N SER A 249 23.94 4.24 -38.52
CA SER A 249 23.27 5.44 -38.10
C SER A 249 23.77 6.57 -38.98
N PRO A 250 22.99 7.62 -39.05
CA PRO A 250 23.32 8.74 -39.88
C PRO A 250 23.96 9.81 -39.07
N TYR A 251 23.84 9.72 -37.74
CA TYR A 251 24.41 10.73 -36.88
C TYR A 251 25.91 10.73 -36.78
N PRO A 252 26.46 11.92 -36.56
CA PRO A 252 27.90 12.14 -36.53
C PRO A 252 28.76 11.18 -35.76
N VAL A 253 29.92 10.87 -36.32
CA VAL A 253 30.90 10.02 -35.67
C VAL A 253 32.00 10.96 -35.19
N ILE A 254 32.55 10.70 -34.02
CA ILE A 254 33.62 11.53 -33.49
C ILE A 254 34.89 10.73 -33.39
N LEU A 255 35.98 11.29 -33.90
CA LEU A 255 37.24 10.58 -33.86
C LEU A 255 38.13 11.30 -32.91
N SER A 256 38.56 10.56 -31.90
CA SER A 256 39.48 11.07 -30.88
C SER A 256 40.89 10.73 -31.30
N LEU A 257 41.68 11.77 -31.50
CA LEU A 257 43.04 11.55 -31.92
C LEU A 257 43.99 11.78 -30.77
N GLU A 258 44.75 10.76 -30.44
CA GLU A 258 45.75 10.89 -29.43
C GLU A 258 46.99 10.90 -30.30
N ASN A 259 47.53 12.09 -30.47
CA ASN A 259 48.67 12.33 -31.34
C ASN A 259 50.04 12.26 -30.70
N HIS A 260 50.85 11.31 -31.14
CA HIS A 260 52.22 11.17 -30.69
C HIS A 260 53.11 11.17 -31.92
N CYS A 261 52.66 11.86 -32.95
CA CYS A 261 53.41 11.86 -34.18
C CYS A 261 54.33 13.05 -34.34
N SER A 262 55.44 12.81 -35.01
CA SER A 262 56.38 13.86 -35.35
C SER A 262 55.58 14.84 -36.22
N LEU A 263 56.11 16.03 -36.40
CA LEU A 263 55.39 17.01 -37.20
C LEU A 263 55.20 16.50 -38.61
N GLU A 264 56.22 15.84 -39.11
CA GLU A 264 56.11 15.32 -40.46
C GLU A 264 54.93 14.37 -40.57
N GLN A 265 54.96 13.29 -39.80
CA GLN A 265 53.89 12.31 -39.83
C GLN A 265 52.54 12.91 -39.44
N GLN A 266 52.56 13.99 -38.66
CA GLN A 266 51.30 14.63 -38.34
C GLN A 266 50.73 15.14 -39.64
N ARG A 267 51.60 15.77 -40.42
CA ARG A 267 51.17 16.29 -41.70
C ARG A 267 50.57 15.19 -42.55
N VAL A 268 51.18 14.02 -42.50
CA VAL A 268 50.70 12.87 -43.25
C VAL A 268 49.28 12.51 -42.82
N MET A 269 49.09 12.46 -41.49
CA MET A 269 47.79 12.15 -40.91
C MET A 269 46.78 13.09 -41.51
N ALA A 270 47.05 14.38 -41.41
CA ALA A 270 46.12 15.37 -41.93
C ALA A 270 45.80 15.14 -43.38
N ARG A 271 46.79 14.69 -44.14
CA ARG A 271 46.57 14.47 -45.56
C ARG A 271 45.61 13.31 -45.76
N HIS A 272 45.86 12.25 -45.02
CA HIS A 272 45.04 11.04 -45.08
C HIS A 272 43.61 11.40 -44.70
N LEU A 273 43.48 12.20 -43.65
CA LEU A 273 42.17 12.59 -43.19
C LEU A 273 41.42 13.26 -44.29
N ARG A 274 42.03 14.28 -44.87
CA ARG A 274 41.37 14.99 -45.95
C ARG A 274 41.12 14.11 -47.18
N ALA A 275 42.14 13.37 -47.57
CA ALA A 275 42.03 12.55 -48.76
C ALA A 275 41.00 11.46 -48.60
N ILE A 276 41.01 10.84 -47.43
CA ILE A 276 40.15 9.72 -47.16
C ILE A 276 38.74 10.04 -46.79
N LEU A 277 38.57 10.88 -45.78
CA LEU A 277 37.21 11.22 -45.35
C LEU A 277 36.57 12.14 -46.35
N GLY A 278 37.41 12.95 -46.98
CA GLY A 278 36.94 13.88 -47.95
C GLY A 278 35.89 14.78 -47.32
N PRO A 279 34.78 14.91 -48.03
CA PRO A 279 33.70 15.76 -47.62
C PRO A 279 32.97 15.32 -46.37
N ILE A 280 33.15 14.07 -45.95
CA ILE A 280 32.46 13.62 -44.73
C ILE A 280 33.05 14.37 -43.55
N LEU A 281 34.32 14.71 -43.67
CA LEU A 281 35.02 15.37 -42.62
C LEU A 281 34.53 16.80 -42.34
N LEU A 282 34.35 17.11 -41.07
CA LEU A 282 33.91 18.45 -40.68
C LEU A 282 35.18 19.25 -40.43
N ASP A 283 35.48 20.20 -41.31
CA ASP A 283 36.70 20.97 -41.20
C ASP A 283 36.51 22.46 -40.96
N GLN A 284 35.27 22.92 -40.77
CA GLN A 284 34.99 24.35 -40.50
C GLN A 284 33.73 24.46 -39.61
N PRO A 285 33.65 25.47 -38.72
CA PRO A 285 32.47 25.60 -37.87
C PRO A 285 31.25 25.71 -38.74
N LEU A 286 30.09 25.47 -38.16
CA LEU A 286 28.83 25.52 -38.91
C LEU A 286 28.42 26.98 -38.94
N ASP A 287 27.99 27.47 -40.11
CA ASP A 287 27.54 28.86 -40.20
C ASP A 287 26.38 28.94 -39.20
N GLY A 288 26.58 29.78 -38.19
CA GLY A 288 25.64 29.87 -37.08
C GLY A 288 26.39 29.07 -36.02
N VAL A 289 25.67 28.30 -35.19
CA VAL A 289 26.26 27.46 -34.12
C VAL A 289 27.35 28.25 -33.40
N THR A 290 26.93 29.16 -32.53
CA THR A 290 27.88 30.05 -31.88
C THR A 290 27.93 29.92 -30.38
N THR A 291 26.81 29.65 -29.76
CA THR A 291 26.79 29.58 -28.31
C THR A 291 26.64 28.17 -27.78
N SER A 292 26.42 27.22 -28.69
CA SER A 292 26.20 25.82 -28.32
C SER A 292 26.82 24.88 -29.32
N LEU A 293 26.96 23.61 -28.91
CA LEU A 293 27.46 22.57 -29.81
C LEU A 293 26.35 22.35 -30.81
N PRO A 294 26.68 21.98 -32.03
CA PRO A 294 25.60 21.73 -32.99
C PRO A 294 24.75 20.57 -32.48
N SER A 295 23.74 20.21 -33.26
CA SER A 295 22.88 19.11 -32.89
C SER A 295 23.25 17.91 -33.80
N PRO A 296 22.84 16.71 -33.41
CA PRO A 296 23.15 15.53 -34.19
C PRO A 296 22.57 15.74 -35.59
N GLU A 297 21.40 16.34 -35.64
CA GLU A 297 20.83 16.58 -36.94
C GLU A 297 21.75 17.50 -37.75
N GLN A 298 22.20 18.60 -37.14
CA GLN A 298 23.09 19.54 -37.83
C GLN A 298 24.36 18.87 -38.32
N LEU A 299 24.80 17.80 -37.67
CA LEU A 299 26.07 17.17 -38.03
C LEU A 299 25.87 15.83 -38.68
N LYS A 300 24.65 15.58 -39.10
CA LYS A 300 24.30 14.32 -39.72
C LYS A 300 25.23 14.06 -40.88
N GLY A 301 25.71 12.83 -40.99
CA GLY A 301 26.59 12.49 -42.10
C GLY A 301 28.03 13.01 -41.99
N LYS A 302 28.33 13.72 -40.91
CA LYS A 302 29.67 14.24 -40.70
C LYS A 302 30.49 13.46 -39.68
N ILE A 303 31.80 13.60 -39.78
CA ILE A 303 32.73 13.01 -38.83
C ILE A 303 33.48 14.19 -38.25
N LEU A 304 33.58 14.26 -36.93
CA LEU A 304 34.35 15.34 -36.35
C LEU A 304 35.49 14.83 -35.51
N LEU A 305 36.60 15.57 -35.58
CA LEU A 305 37.80 15.19 -34.86
C LEU A 305 37.78 15.84 -33.52
N LYS A 306 38.36 15.14 -32.56
CA LYS A 306 38.51 15.66 -31.24
C LYS A 306 39.97 15.49 -30.91
N GLY A 307 40.57 16.51 -30.31
CA GLY A 307 41.99 16.44 -29.99
C GLY A 307 42.50 17.81 -29.57
N LYS A 308 43.82 17.95 -29.52
CA LYS A 308 44.46 19.20 -29.09
C LYS A 308 44.47 20.24 -30.18
N LYS A 309 44.29 21.50 -29.79
CA LYS A 309 44.26 22.60 -30.75
C LYS A 309 45.29 23.64 -30.32
N LEU A 310 46.07 24.17 -31.27
CA LEU A 310 47.08 25.18 -30.92
C LEU A 310 46.41 26.37 -30.20
N LYS A 355 55.11 21.37 -31.70
CA LYS A 355 54.52 20.13 -31.20
C LYS A 355 53.26 19.72 -31.99
N LEU A 356 52.48 20.68 -32.46
CA LEU A 356 51.26 20.35 -33.18
C LEU A 356 51.12 21.16 -34.45
N VAL A 357 51.19 20.51 -35.60
CA VAL A 357 51.06 21.20 -36.89
C VAL A 357 49.65 21.82 -37.05
N PRO A 358 49.58 22.95 -37.75
CA PRO A 358 48.29 23.63 -37.99
C PRO A 358 47.34 22.76 -38.80
N GLU A 359 47.91 22.00 -39.75
CA GLU A 359 47.15 21.11 -40.63
C GLU A 359 46.14 20.30 -39.84
N LEU A 360 46.60 19.77 -38.71
CA LEU A 360 45.76 19.00 -37.82
C LEU A 360 44.96 19.90 -36.90
N SER A 361 45.67 20.74 -36.15
CA SER A 361 45.03 21.63 -35.21
C SER A 361 43.84 22.39 -35.81
N ASP A 362 43.97 22.79 -37.08
CA ASP A 362 42.89 23.53 -37.74
C ASP A 362 41.65 22.69 -37.98
N MET A 363 41.80 21.37 -37.90
CA MET A 363 40.70 20.43 -38.13
C MET A 363 39.84 20.18 -36.88
N ILE A 364 40.39 20.49 -35.71
CA ILE A 364 39.66 20.31 -34.47
C ILE A 364 38.69 21.47 -34.38
N ILE A 365 37.39 21.20 -34.52
CA ILE A 365 36.39 22.27 -34.48
C ILE A 365 35.57 22.39 -33.18
N TYR A 366 34.78 21.36 -32.89
CA TYR A 366 33.89 21.39 -31.72
C TYR A 366 34.34 20.59 -30.50
N CYS A 367 35.52 19.99 -30.59
CA CYS A 367 36.00 19.16 -29.49
C CYS A 367 37.47 19.30 -29.20
N LYS A 368 37.82 20.40 -28.56
CA LYS A 368 39.19 20.63 -28.18
C LYS A 368 39.42 19.88 -26.90
N SER A 369 40.45 19.02 -26.91
CA SER A 369 40.79 18.30 -25.69
C SER A 369 41.34 19.32 -24.73
N VAL A 370 40.84 19.32 -23.50
CA VAL A 370 41.33 20.25 -22.51
C VAL A 370 41.50 19.48 -21.22
N HIS A 371 42.32 20.01 -20.32
CA HIS A 371 42.53 19.36 -19.03
C HIS A 371 41.36 19.86 -18.21
N PHE A 372 40.88 19.04 -17.28
CA PHE A 372 39.75 19.46 -16.48
C PHE A 372 40.08 20.67 -15.66
N GLY A 373 39.35 21.74 -15.91
CA GLY A 373 39.51 22.98 -15.16
C GLY A 373 38.78 22.83 -13.82
N GLY A 374 37.46 22.77 -13.89
CA GLY A 374 36.64 22.63 -12.70
C GLY A 374 35.25 23.08 -13.09
N PHE A 375 34.34 23.06 -12.13
CA PHE A 375 32.98 23.48 -12.43
C PHE A 375 32.81 25.01 -12.25
N SER A 376 32.26 25.65 -13.27
CA SER A 376 32.13 27.11 -13.30
C SER A 376 31.09 27.90 -12.52
N SER A 377 30.17 27.24 -11.79
CA SER A 377 29.11 27.96 -11.03
C SER A 377 29.59 29.10 -10.11
N PRO A 378 30.81 28.99 -9.61
CA PRO A 378 31.36 30.06 -8.77
C PRO A 378 31.71 31.26 -9.64
N GLY A 379 31.27 31.20 -10.89
CA GLY A 379 31.50 32.25 -11.86
C GLY A 379 30.48 32.03 -12.97
N THR A 380 30.82 32.46 -14.18
CA THR A 380 29.93 32.30 -15.33
C THR A 380 30.36 31.09 -16.14
N SER A 381 31.57 31.17 -16.68
CA SER A 381 32.10 30.11 -17.50
C SER A 381 33.29 29.38 -16.91
N GLY A 382 33.73 28.42 -17.70
CA GLY A 382 34.83 27.53 -17.39
C GLY A 382 35.16 27.00 -18.77
N GLN A 383 34.97 25.71 -19.00
CA GLN A 383 35.26 25.23 -20.35
C GLN A 383 34.20 25.62 -21.36
N ALA A 384 34.67 25.93 -22.55
CA ALA A 384 33.81 26.32 -23.62
C ALA A 384 33.02 25.09 -24.05
N PHE A 385 31.86 25.36 -24.62
CA PHE A 385 31.02 24.29 -25.10
C PHE A 385 31.82 23.47 -26.11
N TYR A 386 32.77 24.10 -26.79
CA TYR A 386 33.58 23.39 -27.79
C TYR A 386 34.83 22.76 -27.18
N GLU A 387 34.83 22.66 -25.86
CA GLU A 387 35.98 22.05 -25.20
C GLU A 387 35.59 20.77 -24.49
N MET A 388 36.40 19.74 -24.63
CA MET A 388 36.05 18.49 -24.01
C MET A 388 37.08 17.94 -23.10
N ALA A 389 36.67 17.65 -21.88
CA ALA A 389 37.55 17.11 -20.88
C ALA A 389 37.32 15.62 -20.76
N SER A 390 38.29 14.92 -20.20
CA SER A 390 38.17 13.49 -20.01
C SER A 390 38.49 13.15 -18.58
N PHE A 391 37.86 12.08 -18.08
CA PHE A 391 38.09 11.66 -16.71
C PHE A 391 38.21 10.17 -16.63
N SER A 392 39.13 9.71 -15.82
CA SER A 392 39.25 8.29 -15.69
C SER A 392 38.04 7.91 -14.88
N GLU A 393 37.82 6.62 -14.85
CA GLU A 393 36.76 6.00 -14.11
C GLU A 393 36.77 6.49 -12.67
N SER A 394 37.94 6.35 -12.05
CA SER A 394 38.12 6.75 -10.67
C SER A 394 37.89 8.23 -10.40
N ARG A 395 38.50 9.10 -11.19
CA ARG A 395 38.32 10.52 -10.96
C ARG A 395 36.87 10.88 -11.07
N ALA A 396 36.21 10.28 -12.06
CA ALA A 396 34.82 10.58 -12.31
C ALA A 396 33.98 10.25 -11.11
N LEU A 397 34.22 9.07 -10.56
CA LEU A 397 33.44 8.68 -9.41
C LEU A 397 33.61 9.67 -8.28
N ARG A 398 34.84 10.12 -8.07
CA ARG A 398 35.11 11.05 -7.02
C ARG A 398 34.36 12.33 -7.28
N LEU A 399 34.51 12.90 -8.46
CA LEU A 399 33.81 14.14 -8.77
C LEU A 399 32.32 14.01 -8.57
N LEU A 400 31.82 12.80 -8.80
CA LEU A 400 30.40 12.54 -8.68
C LEU A 400 30.01 12.45 -7.23
N GLN A 401 30.89 11.84 -6.46
CA GLN A 401 30.66 11.68 -5.05
C GLN A 401 30.68 13.04 -4.36
N GLU A 402 31.66 13.87 -4.72
CA GLU A 402 31.81 15.18 -4.12
C GLU A 402 31.00 16.29 -4.76
N SER A 403 30.96 16.31 -6.08
CA SER A 403 30.31 17.38 -6.79
C SER A 403 29.30 16.90 -7.80
N GLY A 404 28.47 15.95 -7.38
CA GLY A 404 27.45 15.37 -8.24
C GLY A 404 26.69 16.41 -9.05
N ASN A 405 26.15 17.42 -8.39
CA ASN A 405 25.35 18.41 -9.12
C ASN A 405 26.21 19.35 -10.04
N GLY A 406 27.50 19.52 -9.74
CA GLY A 406 28.29 20.44 -10.49
C GLY A 406 28.57 19.71 -11.78
N PHE A 407 28.95 18.46 -11.63
CA PHE A 407 29.23 17.64 -12.80
C PHE A 407 28.01 17.59 -13.69
N VAL A 408 26.86 17.34 -13.08
CA VAL A 408 25.63 17.28 -13.84
C VAL A 408 25.41 18.56 -14.59
N ARG A 409 25.43 19.67 -13.88
CA ARG A 409 25.22 20.98 -14.49
C ARG A 409 26.28 21.23 -15.57
N HIS A 410 27.52 20.87 -15.26
CA HIS A 410 28.61 21.05 -16.20
C HIS A 410 28.25 20.36 -17.51
N ASN A 411 27.79 19.12 -17.39
CA ASN A 411 27.41 18.28 -18.54
C ASN A 411 26.23 18.69 -19.37
N VAL A 412 25.58 19.78 -19.01
CA VAL A 412 24.44 20.22 -19.78
C VAL A 412 24.90 20.86 -21.06
N SER A 413 25.98 21.62 -20.96
CA SER A 413 26.48 22.35 -22.11
C SER A 413 27.79 21.81 -22.61
N CYS A 414 28.40 20.93 -21.81
CA CYS A 414 29.69 20.38 -22.18
C CYS A 414 29.69 18.87 -22.29
N LEU A 415 30.50 18.36 -23.22
CA LEU A 415 30.68 16.93 -23.40
C LEU A 415 31.83 16.49 -22.50
N SER A 416 31.60 15.44 -21.73
CA SER A 416 32.61 14.88 -20.84
C SER A 416 32.87 13.46 -21.28
N ARG A 417 34.14 13.11 -21.34
CA ARG A 417 34.47 11.76 -21.73
C ARG A 417 35.04 11.02 -20.53
N ILE A 418 34.60 9.79 -20.34
CA ILE A 418 35.07 8.99 -19.22
C ILE A 418 35.71 7.78 -19.81
N TYR A 419 36.75 7.26 -19.17
CA TYR A 419 37.42 6.09 -19.71
C TYR A 419 37.80 5.18 -18.57
N PRO A 420 37.99 3.90 -18.87
CA PRO A 420 38.27 2.87 -17.87
C PRO A 420 39.56 3.04 -17.09
N ALA A 421 39.50 2.74 -15.79
CA ALA A 421 40.68 2.77 -14.94
C ALA A 421 41.86 1.99 -15.58
N GLY A 422 43.08 2.51 -15.40
CA GLY A 422 44.29 1.93 -15.97
C GLY A 422 44.53 0.49 -15.60
N TRP A 423 44.06 0.08 -14.46
CA TRP A 423 44.30 -1.28 -14.01
C TRP A 423 43.52 -2.31 -14.81
N ARG A 424 42.62 -1.84 -15.64
CA ARG A 424 41.80 -2.75 -16.41
C ARG A 424 42.51 -3.21 -17.69
N THR A 425 43.72 -3.70 -17.50
CA THR A 425 44.55 -4.15 -18.59
C THR A 425 43.94 -5.32 -19.29
N ASP A 426 42.89 -5.87 -18.72
CA ASP A 426 42.23 -7.02 -19.34
C ASP A 426 41.09 -6.56 -20.25
N SER A 427 40.94 -5.25 -20.32
CA SER A 427 39.90 -4.65 -21.13
C SER A 427 38.54 -4.89 -20.52
N SER A 428 38.51 -5.12 -19.22
CA SER A 428 37.27 -5.30 -18.46
C SER A 428 36.58 -3.96 -18.52
N ASN A 429 35.30 -3.91 -18.16
CA ASN A 429 34.57 -2.64 -18.23
C ASN A 429 33.94 -2.20 -16.92
N TYR A 430 33.77 -0.90 -16.75
CA TYR A 430 33.10 -0.40 -15.57
C TYR A 430 31.62 -0.26 -15.94
N SER A 431 30.79 0.06 -14.96
CA SER A 431 29.36 0.22 -15.22
C SER A 431 29.13 1.62 -15.69
N PRO A 432 28.48 1.75 -16.83
CA PRO A 432 28.23 3.05 -17.45
C PRO A 432 27.19 3.84 -16.74
N VAL A 433 26.25 3.12 -16.15
CA VAL A 433 25.11 3.73 -15.49
C VAL A 433 25.47 4.84 -14.53
N GLU A 434 26.48 4.59 -13.69
CA GLU A 434 26.88 5.63 -12.76
C GLU A 434 27.37 6.91 -13.39
N MET A 435 27.91 6.83 -14.59
CA MET A 435 28.35 8.03 -15.28
C MET A 435 27.17 8.73 -15.93
N TRP A 436 26.27 7.93 -16.47
CA TRP A 436 25.10 8.48 -17.11
C TRP A 436 24.30 9.27 -16.09
N ASN A 437 24.21 8.73 -14.89
CA ASN A 437 23.48 9.41 -13.82
C ASN A 437 24.01 10.81 -13.57
N GLY A 438 25.23 11.10 -14.04
CA GLY A 438 25.84 12.41 -13.82
C GLY A 438 25.77 13.22 -15.09
N GLY A 439 25.15 12.67 -16.11
CA GLY A 439 24.99 13.38 -17.37
C GLY A 439 26.17 13.18 -18.29
N CYS A 440 27.09 12.30 -17.90
CA CYS A 440 28.29 12.05 -18.71
C CYS A 440 27.87 11.41 -20.00
N GLN A 441 28.30 11.99 -21.12
CA GLN A 441 27.88 11.49 -22.40
C GLN A 441 28.82 10.60 -23.20
N ILE A 442 30.12 10.88 -23.17
CA ILE A 442 31.05 10.04 -23.90
C ILE A 442 31.67 9.05 -22.96
N VAL A 443 30.84 8.10 -22.53
CA VAL A 443 31.25 7.06 -21.59
C VAL A 443 31.86 5.94 -22.40
N ALA A 444 33.19 5.99 -22.53
CA ALA A 444 33.92 5.01 -23.33
C ALA A 444 34.12 3.67 -22.69
N LEU A 445 33.73 2.61 -23.38
CA LEU A 445 33.89 1.26 -22.89
C LEU A 445 34.68 0.45 -23.88
N ASN A 446 35.18 -0.69 -23.42
CA ASN A 446 35.91 -1.59 -24.30
C ASN A 446 34.88 -2.46 -25.01
N PHE A 447 34.53 -2.04 -26.22
CA PHE A 447 33.52 -2.72 -27.02
C PHE A 447 33.77 -4.16 -27.37
N GLN A 448 34.97 -4.63 -27.16
CA GLN A 448 35.37 -5.98 -27.53
C GLN A 448 35.09 -6.95 -26.45
N THR A 449 34.81 -6.44 -25.26
CA THR A 449 34.64 -7.25 -24.06
C THR A 449 33.19 -7.52 -23.63
N PRO A 450 32.78 -8.78 -23.73
CA PRO A 450 31.45 -9.20 -23.32
C PRO A 450 31.31 -9.11 -21.83
N GLY A 451 30.12 -8.79 -21.36
CA GLY A 451 29.85 -8.69 -19.94
C GLY A 451 28.59 -7.88 -19.73
N PRO A 452 28.21 -7.75 -18.48
CA PRO A 452 27.00 -7.03 -18.11
C PRO A 452 27.10 -5.57 -18.40
N GLU A 453 28.32 -5.09 -18.37
CA GLU A 453 28.54 -3.68 -18.61
C GLU A 453 28.20 -3.32 -20.05
N MET A 454 28.68 -4.11 -20.99
CA MET A 454 28.41 -3.89 -22.42
C MET A 454 26.93 -4.23 -22.71
N ASP A 455 26.40 -5.21 -21.99
CA ASP A 455 24.98 -5.59 -22.09
C ASP A 455 24.09 -4.38 -21.75
N VAL A 456 24.39 -3.71 -20.65
CA VAL A 456 23.63 -2.54 -20.31
C VAL A 456 23.90 -1.45 -21.31
N TYR A 457 25.15 -1.30 -21.71
CA TYR A 457 25.54 -0.27 -22.66
C TYR A 457 24.72 -0.39 -23.95
N LEU A 458 24.74 -1.58 -24.53
CA LEU A 458 24.02 -1.79 -25.78
C LEU A 458 22.51 -1.82 -25.60
N GLY A 459 22.04 -2.08 -24.38
CA GLY A 459 20.60 -2.04 -24.11
C GLY A 459 20.18 -0.57 -24.20
N CYS A 460 20.96 0.29 -23.57
CA CYS A 460 20.71 1.70 -23.63
C CYS A 460 20.69 2.18 -25.07
N PHE A 461 21.72 1.87 -25.82
CA PHE A 461 21.84 2.34 -27.19
C PHE A 461 21.01 1.65 -28.23
N GLN A 462 20.19 0.70 -27.83
CA GLN A 462 19.29 0.05 -28.78
C GLN A 462 18.08 0.96 -28.88
N ASP A 463 17.95 1.83 -27.89
CA ASP A 463 16.86 2.79 -27.87
C ASP A 463 17.08 3.79 -28.97
N ASN A 464 16.10 4.64 -29.23
CA ASN A 464 16.19 5.63 -30.29
C ASN A 464 16.70 5.06 -31.61
N GLY A 465 16.17 3.92 -31.95
CA GLY A 465 16.49 3.32 -33.22
C GLY A 465 17.90 2.97 -33.34
N GLY A 466 18.61 2.93 -32.22
CA GLY A 466 20.02 2.55 -32.22
C GLY A 466 20.92 3.48 -33.00
N CYS A 467 20.53 4.73 -33.10
CA CYS A 467 21.30 5.70 -33.83
C CYS A 467 22.56 6.14 -33.10
N GLY A 468 22.68 5.80 -31.82
CA GLY A 468 23.88 6.15 -31.05
C GLY A 468 23.84 7.44 -30.26
N TYR A 469 22.77 8.19 -30.41
CA TYR A 469 22.58 9.41 -29.67
C TYR A 469 21.27 9.20 -28.93
N VAL A 470 21.30 9.21 -27.60
CA VAL A 470 20.08 9.03 -26.83
C VAL A 470 19.86 10.25 -25.97
N LEU A 471 18.74 10.94 -26.17
CA LEU A 471 18.41 12.17 -25.45
C LEU A 471 18.31 12.00 -23.96
N LYS A 472 19.04 12.86 -23.24
CA LYS A 472 19.05 12.80 -21.80
C LYS A 472 17.69 13.27 -21.26
N PRO A 473 17.35 12.82 -20.06
CA PRO A 473 16.12 13.23 -19.45
C PRO A 473 16.22 14.73 -19.30
N ALA A 474 15.08 15.41 -19.39
CA ALA A 474 15.03 16.86 -19.27
C ALA A 474 15.77 17.44 -18.09
N PHE A 475 15.62 16.84 -16.92
CA PHE A 475 16.32 17.37 -15.78
C PHE A 475 17.81 17.28 -15.91
N LEU A 476 18.30 16.50 -16.87
CA LEU A 476 19.74 16.44 -17.03
C LEU A 476 20.10 17.37 -18.19
N ARG A 477 19.14 18.21 -18.54
CA ARG A 477 19.33 19.17 -19.62
C ARG A 477 18.95 20.57 -19.15
N ASP A 478 18.90 20.74 -17.83
CA ASP A 478 18.56 22.00 -17.22
C ASP A 478 19.76 22.53 -16.46
N PRO A 479 20.34 23.60 -17.00
CA PRO A 479 21.50 24.24 -16.41
C PRO A 479 21.25 24.60 -14.98
N ASN A 480 19.99 24.81 -14.64
CA ASN A 480 19.64 25.18 -13.28
C ASN A 480 19.07 24.03 -12.48
N THR A 481 19.60 22.83 -12.66
CA THR A 481 19.06 21.69 -11.93
C THR A 481 19.75 21.48 -10.60
N THR A 482 19.00 20.98 -9.63
CA THR A 482 19.51 20.68 -8.30
C THR A 482 19.56 19.18 -8.10
N PHE A 483 19.49 18.46 -9.22
CA PHE A 483 19.53 17.01 -9.20
C PHE A 483 20.92 16.50 -8.87
N ASN A 484 20.95 15.38 -8.16
CA ASN A 484 22.18 14.73 -7.81
C ASN A 484 21.72 13.34 -7.47
N SER A 485 21.93 12.41 -8.39
CA SER A 485 21.49 11.02 -8.20
C SER A 485 21.99 10.43 -6.90
N ARG A 486 22.94 11.11 -6.29
CA ARG A 486 23.57 10.66 -5.05
C ARG A 486 22.90 11.24 -3.80
N ALA A 487 22.24 12.38 -3.96
CA ALA A 487 21.57 13.05 -2.87
C ALA A 487 20.24 13.44 -3.42
N LEU A 488 19.34 12.48 -3.43
CA LEU A 488 18.03 12.71 -4.02
C LEU A 488 17.08 13.54 -3.17
N THR A 489 16.51 14.55 -3.82
CA THR A 489 15.55 15.43 -3.19
C THR A 489 14.35 15.40 -4.10
N GLN A 490 13.32 16.17 -3.75
CA GLN A 490 12.14 16.19 -4.60
C GLN A 490 12.46 16.93 -5.88
N GLY A 491 11.86 16.48 -6.96
CA GLY A 491 12.08 17.07 -8.26
C GLY A 491 11.41 16.20 -9.31
N PRO A 492 11.31 16.73 -10.51
CA PRO A 492 10.69 16.02 -11.62
C PRO A 492 11.26 14.62 -11.84
N TRP A 493 12.49 14.41 -11.40
CA TRP A 493 13.13 13.11 -11.57
C TRP A 493 12.53 12.11 -10.62
N TRP A 494 11.99 12.61 -9.52
CA TRP A 494 11.45 11.75 -8.51
C TRP A 494 10.05 11.35 -8.90
N ARG A 495 9.87 10.10 -9.31
CA ARG A 495 8.56 9.67 -9.76
C ARG A 495 8.47 8.20 -9.59
N PRO A 496 8.31 7.77 -8.37
CA PRO A 496 8.27 6.37 -8.03
C PRO A 496 7.25 5.52 -8.76
N GLU A 497 7.68 4.33 -9.15
CA GLU A 497 6.83 3.38 -9.87
C GLU A 497 6.99 2.01 -9.27
N ARG A 498 5.94 1.21 -9.39
CA ARG A 498 5.97 -0.13 -8.86
C ARG A 498 6.03 -1.12 -10.02
N LEU A 499 7.10 -1.89 -10.08
CA LEU A 499 7.24 -2.80 -11.20
C LEU A 499 7.12 -4.20 -10.74
N ARG A 500 6.31 -4.95 -11.49
CA ARG A 500 6.07 -6.36 -11.22
C ARG A 500 6.34 -7.17 -12.44
N VAL A 501 7.32 -8.05 -12.32
CA VAL A 501 7.70 -8.86 -13.42
C VAL A 501 7.46 -10.28 -13.04
N ARG A 502 6.71 -10.97 -13.87
CA ARG A 502 6.47 -12.36 -13.61
C ARG A 502 7.25 -13.14 -14.65
N ILE A 503 8.20 -13.94 -14.19
CA ILE A 503 9.00 -14.76 -15.09
C ILE A 503 8.16 -16.00 -15.28
N ILE A 504 7.51 -16.12 -16.42
CA ILE A 504 6.65 -17.26 -16.60
C ILE A 504 7.34 -18.51 -17.06
N SER A 505 7.84 -18.52 -18.29
CA SER A 505 8.50 -19.68 -18.84
C SER A 505 9.64 -19.28 -19.80
N GLY A 506 10.43 -20.26 -20.21
CA GLY A 506 11.55 -20.05 -21.10
C GLY A 506 11.36 -20.96 -22.26
N GLN A 507 11.86 -20.56 -23.40
CA GLN A 507 11.69 -21.34 -24.60
C GLN A 507 13.00 -21.48 -25.30
N GLN A 508 13.36 -22.73 -25.57
CA GLN A 508 14.56 -23.08 -26.31
C GLN A 508 15.82 -22.34 -25.94
N LEU A 509 16.13 -22.38 -24.65
CA LEU A 509 17.33 -21.77 -24.13
C LEU A 509 18.49 -22.56 -24.72
N PRO A 510 19.46 -21.86 -25.31
CA PRO A 510 20.58 -22.54 -25.93
C PRO A 510 21.52 -23.28 -24.95
N LYS A 511 22.30 -24.20 -25.50
CA LYS A 511 23.28 -24.95 -24.71
C LYS A 511 24.69 -24.33 -24.92
N VAL A 512 25.22 -23.69 -23.86
CA VAL A 512 26.54 -23.06 -23.89
C VAL A 512 27.51 -23.91 -23.10
N ASN A 513 27.68 -25.16 -23.52
CA ASN A 513 28.58 -26.09 -22.85
C ASN A 513 28.74 -27.42 -23.60
N LYS A 514 29.55 -28.30 -23.01
CA LYS A 514 29.90 -29.64 -23.51
C LYS A 514 29.09 -30.26 -24.66
N ASN A 515 29.77 -31.00 -25.51
CA ASN A 515 29.18 -31.64 -26.69
C ASN A 515 27.70 -32.14 -26.69
N LYS A 516 27.31 -32.88 -25.64
CA LYS A 516 25.94 -33.42 -25.54
C LYS A 516 25.06 -32.51 -24.70
N ASN A 517 23.86 -32.20 -25.20
CA ASN A 517 22.94 -31.34 -24.46
C ASN A 517 22.79 -31.92 -23.08
N SER A 518 23.63 -31.44 -22.16
CA SER A 518 23.60 -31.89 -20.75
C SER A 518 22.36 -31.31 -20.06
N ILE A 519 21.43 -30.89 -20.91
CA ILE A 519 20.16 -30.32 -20.52
C ILE A 519 20.36 -29.33 -19.45
N VAL A 520 20.53 -28.10 -19.91
CA VAL A 520 20.68 -26.95 -19.08
C VAL A 520 19.78 -26.95 -17.83
N ASP A 521 20.24 -26.33 -16.77
CA ASP A 521 19.46 -26.24 -15.54
C ASP A 521 19.32 -24.78 -15.31
N PRO A 522 18.43 -24.15 -16.08
CA PRO A 522 18.27 -22.71 -16.03
C PRO A 522 17.64 -22.05 -14.85
N LYS A 523 18.09 -20.82 -14.60
CA LYS A 523 17.53 -19.98 -13.59
C LYS A 523 17.60 -18.57 -14.23
N VAL A 524 16.75 -17.66 -13.77
CA VAL A 524 16.68 -16.32 -14.34
C VAL A 524 16.91 -15.25 -13.29
N ILE A 525 17.70 -14.25 -13.64
CA ILE A 525 17.99 -13.18 -12.73
C ILE A 525 17.39 -11.94 -13.33
N VAL A 526 16.86 -11.05 -12.50
CA VAL A 526 16.29 -9.83 -13.01
C VAL A 526 16.87 -8.72 -12.22
N GLU A 527 17.43 -7.74 -12.89
CA GLU A 527 18.09 -6.63 -12.23
C GLU A 527 17.55 -5.29 -12.62
N ILE A 528 17.63 -4.37 -11.68
CA ILE A 528 17.28 -3.00 -11.91
C ILE A 528 18.59 -2.25 -11.82
N HIS A 529 18.90 -1.47 -12.83
CA HIS A 529 20.12 -0.68 -12.85
C HIS A 529 19.58 0.73 -12.91
N GLY A 530 20.20 1.67 -12.19
CA GLY A 530 19.75 3.07 -12.18
C GLY A 530 20.44 3.79 -11.06
N VAL A 531 19.81 4.84 -10.51
CA VAL A 531 20.41 5.54 -9.38
C VAL A 531 20.57 4.48 -8.29
N GLY A 532 21.59 4.66 -7.47
CA GLY A 532 21.94 3.67 -6.46
C GLY A 532 20.77 3.16 -5.67
N ARG A 533 19.91 4.08 -5.31
CA ARG A 533 18.72 3.75 -4.52
C ARG A 533 17.92 2.66 -5.17
N ASP A 534 17.85 2.71 -6.50
CA ASP A 534 17.02 1.78 -7.25
C ASP A 534 17.63 0.47 -7.61
N THR A 535 18.95 0.40 -7.65
CA THR A 535 19.62 -0.84 -8.04
C THR A 535 19.13 -2.00 -7.20
N GLY A 536 18.73 -3.10 -7.86
CA GLY A 536 18.22 -4.28 -7.17
C GLY A 536 18.43 -5.48 -8.08
N SER A 537 18.31 -6.67 -7.54
CA SER A 537 18.48 -7.88 -8.31
C SER A 537 17.67 -8.98 -7.63
N ARG A 538 17.12 -9.91 -8.40
CA ARG A 538 16.34 -10.99 -7.83
C ARG A 538 16.55 -12.18 -8.72
N GLN A 539 16.50 -13.38 -8.16
CA GLN A 539 16.68 -14.55 -9.00
C GLN A 539 15.60 -15.60 -8.76
N THR A 540 15.32 -16.38 -9.79
CA THR A 540 14.33 -17.42 -9.66
C THR A 540 15.02 -18.67 -9.20
N ALA A 541 14.25 -19.72 -9.04
CA ALA A 541 14.80 -20.99 -8.68
C ALA A 541 15.37 -21.57 -9.94
N VAL A 542 16.04 -22.70 -9.77
CA VAL A 542 16.63 -23.42 -10.89
C VAL A 542 15.71 -24.54 -11.31
N ILE A 543 15.57 -24.74 -12.62
CA ILE A 543 14.74 -25.82 -13.14
C ILE A 543 15.78 -26.79 -13.63
N THR A 544 15.75 -28.00 -13.14
CA THR A 544 16.78 -28.88 -13.57
C THR A 544 16.51 -29.58 -14.88
N ASN A 545 17.54 -29.63 -15.71
CA ASN A 545 17.44 -30.36 -16.95
C ASN A 545 16.35 -29.92 -17.90
N ASN A 546 16.26 -28.63 -18.19
CA ASN A 546 15.24 -28.18 -19.12
C ASN A 546 15.53 -26.82 -19.65
N GLY A 547 15.86 -26.76 -20.93
CA GLY A 547 16.14 -25.50 -21.58
C GLY A 547 15.08 -25.30 -22.63
N PHE A 548 14.39 -26.38 -22.95
CA PHE A 548 13.36 -26.32 -23.97
C PHE A 548 12.12 -25.56 -23.54
N ASN A 549 11.76 -25.75 -22.30
CA ASN A 549 10.58 -25.11 -21.85
C ASN A 549 10.40 -25.11 -20.35
N PRO A 550 11.44 -24.65 -19.68
CA PRO A 550 11.37 -24.53 -18.22
C PRO A 550 10.17 -23.64 -17.94
N ARG A 551 9.64 -23.77 -16.74
CA ARG A 551 8.51 -22.99 -16.34
C ARG A 551 8.78 -22.59 -14.91
N TRP A 552 8.85 -21.31 -14.62
CA TRP A 552 9.15 -20.89 -13.25
C TRP A 552 7.95 -20.30 -12.60
N ASP A 553 7.24 -19.44 -13.34
CA ASP A 553 6.07 -18.73 -12.81
C ASP A 553 6.38 -17.99 -11.52
N MET A 554 7.44 -17.20 -11.53
CA MET A 554 7.86 -16.50 -10.32
C MET A 554 7.73 -15.02 -10.58
N GLU A 555 7.33 -14.28 -9.56
CA GLU A 555 7.16 -12.85 -9.75
C GLU A 555 8.02 -12.03 -8.83
N PHE A 556 8.44 -10.86 -9.32
CA PHE A 556 9.26 -10.02 -8.51
C PHE A 556 8.64 -8.67 -8.56
N GLU A 557 8.92 -7.87 -7.54
CA GLU A 557 8.40 -6.53 -7.54
C GLU A 557 9.54 -5.61 -7.15
N PHE A 558 9.60 -4.45 -7.78
CA PHE A 558 10.66 -3.53 -7.49
C PHE A 558 10.08 -2.16 -7.42
N GLU A 559 10.60 -1.32 -6.53
CA GLU A 559 10.19 0.07 -6.45
C GLU A 559 11.32 0.83 -7.11
N VAL A 560 10.97 1.72 -8.01
CA VAL A 560 11.96 2.47 -8.74
C VAL A 560 11.55 3.91 -8.60
N THR A 561 12.40 4.70 -8.00
CA THR A 561 12.10 6.10 -7.76
C THR A 561 12.46 7.01 -8.90
N VAL A 562 13.52 6.66 -9.61
CA VAL A 562 13.99 7.48 -10.73
C VAL A 562 14.03 6.69 -12.03
N PRO A 563 12.85 6.21 -12.40
CA PRO A 563 12.68 5.40 -13.60
C PRO A 563 13.35 5.96 -14.87
N ASP A 564 13.38 7.27 -15.01
CA ASP A 564 13.98 7.85 -16.21
C ASP A 564 15.43 7.48 -16.39
N LEU A 565 16.07 7.00 -15.32
CA LEU A 565 17.48 6.62 -15.40
C LEU A 565 17.66 5.13 -15.24
N ALA A 566 16.55 4.40 -15.20
CA ALA A 566 16.60 2.96 -14.96
C ALA A 566 16.61 2.02 -16.17
N LEU A 567 17.10 0.81 -15.97
CA LEU A 567 17.12 -0.20 -17.01
C LEU A 567 16.84 -1.49 -16.32
N VAL A 568 16.11 -2.36 -17.01
CA VAL A 568 15.73 -3.65 -16.46
C VAL A 568 16.45 -4.71 -17.24
N ARG A 569 17.16 -5.58 -16.55
CA ARG A 569 17.94 -6.59 -17.22
C ARG A 569 17.54 -7.99 -16.87
N PHE A 570 17.39 -8.80 -17.90
CA PHE A 570 17.03 -10.20 -17.73
C PHE A 570 18.24 -11.02 -18.06
N MET A 571 18.65 -11.90 -17.17
CA MET A 571 19.78 -12.74 -17.47
C MET A 571 19.51 -14.17 -17.12
N VAL A 572 19.84 -15.07 -18.04
CA VAL A 572 19.64 -16.49 -17.81
C VAL A 572 20.96 -17.26 -17.65
N GLU A 573 21.12 -17.92 -16.51
CA GLU A 573 22.31 -18.68 -16.23
C GLU A 573 22.01 -20.14 -16.21
N ASP A 574 23.06 -20.93 -16.38
CA ASP A 574 22.95 -22.37 -16.29
C ASP A 574 23.57 -22.73 -14.98
N TYR A 575 22.75 -23.13 -14.02
CA TYR A 575 23.25 -23.44 -12.72
C TYR A 575 24.21 -24.60 -12.65
N ASP A 576 25.33 -24.36 -11.97
CA ASP A 576 26.33 -25.36 -11.75
C ASP A 576 26.74 -25.39 -10.27
N SER A 577 26.48 -26.53 -9.65
CA SER A 577 26.77 -26.77 -8.24
C SER A 577 28.25 -26.54 -7.97
N SER A 578 29.07 -27.32 -8.68
CA SER A 578 30.53 -27.28 -8.58
C SER A 578 31.16 -25.97 -9.04
N SER A 579 30.98 -25.65 -10.31
CA SER A 579 31.55 -24.45 -10.89
C SER A 579 30.67 -23.20 -10.94
N LYS A 580 31.21 -22.19 -11.61
CA LYS A 580 30.53 -20.93 -11.83
C LYS A 580 29.51 -21.24 -12.91
N ASN A 581 28.31 -20.69 -12.77
CA ASN A 581 27.27 -20.94 -13.74
C ASN A 581 27.55 -20.29 -15.08
N ASP A 582 27.27 -21.01 -16.14
CA ASP A 582 27.46 -20.49 -17.49
C ASP A 582 26.32 -19.53 -17.84
N PHE A 583 26.66 -18.48 -18.58
CA PHE A 583 25.70 -17.49 -19.02
C PHE A 583 25.01 -18.12 -20.20
N ILE A 584 23.70 -17.96 -20.30
CA ILE A 584 22.97 -18.53 -21.43
C ILE A 584 22.54 -17.43 -22.35
N GLY A 585 21.95 -16.38 -21.79
CA GLY A 585 21.46 -15.29 -22.61
C GLY A 585 21.08 -14.15 -21.72
N GLN A 586 20.78 -13.02 -22.33
CA GLN A 586 20.48 -11.83 -21.56
C GLN A 586 19.70 -10.87 -22.43
N SER A 587 19.14 -9.83 -21.80
CA SER A 587 18.45 -8.76 -22.49
C SER A 587 18.25 -7.63 -21.50
N THR A 588 18.61 -6.42 -21.92
CA THR A 588 18.52 -5.24 -21.08
C THR A 588 17.62 -4.24 -21.76
N ILE A 589 16.64 -3.76 -21.01
CA ILE A 589 15.66 -2.81 -21.53
C ILE A 589 15.58 -1.51 -20.73
N PRO A 590 15.78 -0.38 -21.42
CA PRO A 590 15.68 0.92 -20.80
C PRO A 590 14.24 1.03 -20.35
N TRP A 591 14.06 1.48 -19.12
CA TRP A 591 12.76 1.66 -18.49
C TRP A 591 11.63 2.13 -19.40
N ASN A 592 11.79 3.29 -20.01
CA ASN A 592 10.75 3.82 -20.87
C ASN A 592 10.52 3.04 -22.15
N SER A 593 11.25 1.96 -22.35
CA SER A 593 11.05 1.18 -23.56
C SER A 593 10.49 -0.15 -23.15
N LEU A 594 10.26 -0.30 -21.87
CA LEU A 594 9.72 -1.54 -21.36
C LEU A 594 8.23 -1.63 -21.69
N LYS A 595 7.83 -2.69 -22.40
CA LYS A 595 6.42 -2.86 -22.75
C LYS A 595 5.68 -3.71 -21.72
N GLN A 596 4.42 -3.38 -21.45
CA GLN A 596 3.67 -4.11 -20.45
C GLN A 596 2.81 -5.24 -20.98
N GLY A 597 2.34 -6.06 -20.05
CA GLY A 597 1.48 -7.16 -20.39
C GLY A 597 2.27 -8.39 -20.62
N TYR A 598 1.77 -9.24 -21.50
CA TYR A 598 2.44 -10.46 -21.84
C TYR A 598 3.37 -10.19 -22.96
N ARG A 599 4.65 -10.54 -22.79
CA ARG A 599 5.62 -10.32 -23.82
C ARG A 599 6.67 -11.38 -23.76
N HIS A 600 7.48 -11.44 -24.80
CA HIS A 600 8.63 -12.34 -24.83
C HIS A 600 9.91 -11.53 -24.83
N VAL A 601 10.87 -11.97 -24.01
CA VAL A 601 12.17 -11.34 -23.95
C VAL A 601 13.08 -12.17 -24.85
N HIS A 602 13.60 -11.58 -25.91
CA HIS A 602 14.47 -12.32 -26.84
C HIS A 602 15.94 -12.30 -26.40
N LEU A 603 16.41 -13.43 -25.95
CA LEU A 603 17.75 -13.46 -25.44
C LEU A 603 18.92 -13.21 -26.39
N LEU A 604 19.89 -12.45 -25.93
CA LEU A 604 21.09 -12.19 -26.71
C LEU A 604 22.27 -12.99 -26.15
N SER A 605 23.25 -13.27 -26.98
CA SER A 605 24.45 -13.98 -26.56
C SER A 605 25.44 -12.99 -25.90
N LYS A 606 26.54 -13.53 -25.40
CA LYS A 606 27.61 -12.74 -24.79
C LYS A 606 28.05 -11.62 -25.72
N ASN A 607 28.10 -11.94 -27.02
CA ASN A 607 28.55 -10.99 -28.04
C ASN A 607 27.51 -10.05 -28.58
N GLY A 608 26.32 -10.05 -27.99
CA GLY A 608 25.27 -9.14 -28.42
C GLY A 608 24.45 -9.69 -29.57
N ASP A 609 24.76 -10.90 -29.99
CA ASP A 609 24.04 -11.50 -31.10
C ASP A 609 22.68 -11.95 -30.62
N GLN A 610 21.68 -11.81 -31.49
CA GLN A 610 20.31 -12.21 -31.22
C GLN A 610 20.16 -13.72 -31.32
N HIS A 611 19.60 -14.37 -30.30
CA HIS A 611 19.42 -15.81 -30.39
C HIS A 611 18.11 -15.97 -31.03
N PRO A 612 18.12 -16.46 -32.26
CA PRO A 612 16.91 -16.68 -33.03
C PRO A 612 15.68 -17.22 -32.28
N SER A 613 15.84 -18.28 -31.50
CA SER A 613 14.68 -18.88 -30.84
C SER A 613 14.66 -18.89 -29.34
N ALA A 614 15.66 -18.31 -28.69
CA ALA A 614 15.70 -18.35 -27.24
C ALA A 614 15.00 -17.16 -26.68
N THR A 615 13.96 -17.41 -25.90
CA THR A 615 13.16 -16.33 -25.28
C THR A 615 12.73 -16.67 -23.89
N LEU A 616 12.23 -15.66 -23.21
CA LEU A 616 11.64 -15.81 -21.88
C LEU A 616 10.24 -15.24 -22.09
N PHE A 617 9.25 -15.88 -21.48
CA PHE A 617 7.89 -15.40 -21.60
C PHE A 617 7.55 -14.79 -20.30
N VAL A 618 7.19 -13.52 -20.33
CA VAL A 618 6.91 -12.80 -19.09
C VAL A 618 5.66 -11.92 -19.14
N LYS A 619 5.28 -11.41 -17.97
CA LYS A 619 4.18 -10.47 -17.84
C LYS A 619 4.71 -9.32 -17.01
N ILE A 620 4.66 -8.14 -17.59
CA ILE A 620 5.18 -6.96 -16.98
C ILE A 620 4.10 -5.98 -16.63
N SER A 621 4.20 -5.40 -15.45
CA SER A 621 3.24 -4.40 -15.07
C SER A 621 3.91 -3.27 -14.31
N ILE A 622 3.64 -2.05 -14.73
CA ILE A 622 4.21 -0.88 -14.08
C ILE A 622 3.05 -0.02 -13.58
N GLN A 623 3.08 0.36 -12.31
CA GLN A 623 2.02 1.18 -11.78
C GLN A 623 2.60 2.23 -10.90
N ASP A 624 1.94 3.38 -10.90
CA ASP A 624 2.28 4.51 -10.02
C ASP A 624 1.43 4.32 -8.78
N ASN B 26 -58.15 -29.71 39.72
CA ASN B 26 -58.08 -28.47 38.95
C ASN B 26 -57.92 -27.24 39.86
N LYS B 27 -56.85 -27.27 40.64
CA LYS B 27 -56.49 -26.23 41.59
C LYS B 27 -55.01 -26.53 41.74
N MET B 28 -54.25 -25.65 42.37
CA MET B 28 -52.84 -25.97 42.50
C MET B 28 -52.33 -25.79 43.91
N ASN B 29 -51.16 -26.33 44.19
CA ASN B 29 -50.56 -26.16 45.49
C ASN B 29 -49.28 -25.37 45.33
N PHE B 30 -48.72 -24.98 46.47
CA PHE B 30 -47.49 -24.20 46.53
C PHE B 30 -46.33 -24.76 45.71
N LYS B 31 -46.35 -26.05 45.45
CA LYS B 31 -45.27 -26.67 44.69
C LYS B 31 -45.51 -26.61 43.19
N GLU B 32 -46.72 -26.96 42.77
CA GLU B 32 -47.08 -26.88 41.36
C GLU B 32 -46.84 -25.42 40.99
N LEU B 33 -47.11 -24.57 41.98
CA LEU B 33 -46.90 -23.14 41.83
C LEU B 33 -45.40 -22.98 41.71
N LYS B 34 -44.69 -23.34 42.79
CA LYS B 34 -43.21 -23.26 42.86
C LYS B 34 -42.57 -23.78 41.58
N ASP B 35 -43.31 -24.66 40.91
CA ASP B 35 -42.90 -25.25 39.64
C ASP B 35 -43.24 -24.31 38.49
N PHE B 36 -44.54 -24.07 38.31
CA PHE B 36 -45.05 -23.18 37.24
C PHE B 36 -44.24 -21.87 37.18
N LEU B 37 -43.76 -21.42 38.33
CA LEU B 37 -42.97 -20.19 38.39
C LEU B 37 -41.73 -20.49 37.56
N LYS B 38 -41.05 -21.58 37.91
CA LYS B 38 -39.85 -22.05 37.21
C LYS B 38 -40.04 -22.01 35.69
N GLU B 39 -41.18 -22.52 35.22
CA GLU B 39 -41.52 -22.44 33.80
C GLU B 39 -41.73 -20.92 33.65
N LEU B 40 -41.15 -20.34 32.59
CA LEU B 40 -41.16 -18.88 32.36
C LEU B 40 -40.21 -18.35 33.40
N ASN B 41 -38.91 -18.38 33.11
CA ASN B 41 -37.83 -17.96 34.02
C ASN B 41 -38.19 -16.99 35.16
N ILE B 42 -38.29 -17.55 36.38
CA ILE B 42 -38.68 -16.76 37.54
C ILE B 42 -37.95 -17.10 38.84
N GLN B 43 -37.24 -16.10 39.36
CA GLN B 43 -36.50 -16.21 40.61
C GLN B 43 -37.26 -15.30 41.54
N VAL B 44 -38.55 -15.14 41.26
CA VAL B 44 -39.45 -14.31 42.03
C VAL B 44 -39.65 -15.08 43.29
N ASP B 45 -39.28 -16.33 43.21
CA ASP B 45 -39.46 -17.26 44.29
C ASP B 45 -39.00 -16.72 45.61
N ASP B 46 -39.64 -17.25 46.65
CA ASP B 46 -39.36 -16.90 48.04
C ASP B 46 -40.53 -17.37 48.88
N GLY B 47 -40.60 -16.83 50.09
CA GLY B 47 -41.71 -17.09 50.97
C GLY B 47 -42.70 -16.12 50.37
N TYR B 48 -42.15 -15.15 49.64
CA TYR B 48 -42.95 -14.16 48.97
C TYR B 48 -43.94 -14.89 48.10
N ALA B 49 -43.45 -15.79 47.27
CA ALA B 49 -44.33 -16.53 46.41
C ALA B 49 -45.43 -17.24 47.22
N ARG B 50 -45.10 -17.68 48.44
CA ARG B 50 -46.11 -18.36 49.28
C ARG B 50 -47.11 -17.35 49.83
N LYS B 51 -46.57 -16.29 50.43
CA LYS B 51 -47.34 -15.17 50.97
C LYS B 51 -48.44 -14.75 49.97
N ILE B 52 -48.04 -14.54 48.73
CA ILE B 52 -48.97 -14.12 47.69
C ILE B 52 -49.96 -15.20 47.39
N PHE B 53 -49.51 -16.43 47.51
CA PHE B 53 -50.32 -17.56 47.21
C PHE B 53 -51.47 -17.67 48.21
N ARG B 54 -51.14 -17.43 49.48
CA ARG B 54 -52.09 -17.49 50.57
C ARG B 54 -53.09 -16.33 50.52
N GLU B 55 -52.59 -15.14 50.19
CA GLU B 55 -53.45 -13.95 50.05
C GLU B 55 -54.49 -14.27 49.00
N CYS B 56 -54.17 -15.26 48.17
CA CYS B 56 -55.03 -15.66 47.07
C CYS B 56 -56.05 -16.71 47.39
N ASP B 57 -55.76 -17.55 48.38
CA ASP B 57 -56.71 -18.59 48.72
C ASP B 57 -57.73 -18.29 49.79
N HIS B 58 -58.95 -17.98 49.33
CA HIS B 58 -60.08 -17.65 50.19
C HIS B 58 -60.46 -18.84 51.07
N SER B 59 -60.63 -19.99 50.41
CA SER B 59 -61.02 -21.23 51.08
C SER B 59 -60.18 -21.62 52.30
N GLN B 60 -58.92 -21.23 52.31
CA GLN B 60 -57.98 -21.55 53.39
C GLN B 60 -57.52 -23.00 53.30
N THR B 61 -57.83 -23.66 52.17
CA THR B 61 -57.46 -25.07 51.95
C THR B 61 -56.02 -25.26 51.50
N ASP B 62 -55.32 -24.15 51.22
CA ASP B 62 -53.94 -24.17 50.74
C ASP B 62 -53.89 -24.71 49.30
N SER B 63 -54.97 -24.44 48.56
CA SER B 63 -55.12 -24.85 47.16
C SER B 63 -55.64 -23.64 46.41
N LEU B 64 -55.30 -23.54 45.12
CA LEU B 64 -55.77 -22.39 44.37
C LEU B 64 -56.84 -22.68 43.33
N GLU B 65 -58.04 -22.20 43.63
CA GLU B 65 -59.15 -22.35 42.73
C GLU B 65 -58.81 -21.42 41.58
N ASP B 66 -59.46 -21.68 40.45
CA ASP B 66 -59.25 -20.95 39.18
C ASP B 66 -58.97 -19.44 39.17
N GLU B 67 -60.00 -18.64 39.45
CA GLU B 67 -59.88 -17.19 39.51
C GLU B 67 -58.67 -16.83 40.38
N GLU B 68 -58.60 -17.44 41.56
CA GLU B 68 -57.50 -17.23 42.51
C GLU B 68 -56.15 -17.40 41.84
N ILE B 69 -56.10 -18.23 40.80
CA ILE B 69 -54.84 -18.45 40.11
C ILE B 69 -54.46 -17.27 39.25
N GLU B 70 -55.46 -16.74 38.53
CA GLU B 70 -55.25 -15.57 37.70
C GLU B 70 -54.76 -14.51 38.66
N THR B 71 -55.58 -14.23 39.66
CA THR B 71 -55.26 -13.25 40.69
C THR B 71 -53.84 -13.42 41.26
N PHE B 72 -53.40 -14.67 41.41
CA PHE B 72 -52.07 -14.90 41.93
C PHE B 72 -51.01 -14.40 40.96
N TYR B 73 -51.06 -14.93 39.74
CA TYR B 73 -50.10 -14.62 38.70
C TYR B 73 -50.01 -13.13 38.38
N LYS B 74 -51.16 -12.48 38.35
CA LYS B 74 -51.24 -11.05 38.07
C LYS B 74 -50.64 -10.26 39.22
N MET B 75 -50.85 -10.74 40.44
CA MET B 75 -50.32 -10.10 41.65
C MET B 75 -48.80 -10.13 41.57
N LEU B 76 -48.31 -11.21 40.98
CA LEU B 76 -46.91 -11.48 40.85
C LEU B 76 -46.18 -10.67 39.78
N THR B 77 -46.79 -10.60 38.61
CA THR B 77 -46.23 -9.94 37.43
C THR B 77 -46.59 -8.47 37.23
N GLN B 78 -47.65 -8.00 37.86
CA GLN B 78 -48.04 -6.62 37.66
C GLN B 78 -46.95 -5.62 38.03
N ARG B 79 -46.79 -4.60 37.19
CA ARG B 79 -45.82 -3.56 37.45
C ARG B 79 -46.57 -2.29 37.70
N ALA B 80 -46.63 -1.91 38.95
CA ALA B 80 -47.37 -0.72 39.29
C ALA B 80 -46.91 0.53 38.56
N GLU B 81 -45.60 0.71 38.48
CA GLU B 81 -45.03 1.87 37.85
C GLU B 81 -45.54 1.94 36.45
N ILE B 82 -45.72 0.78 35.82
CA ILE B 82 -46.25 0.80 34.48
C ILE B 82 -47.71 1.21 34.51
N ASP B 83 -48.45 0.69 35.47
CA ASP B 83 -49.84 1.02 35.58
C ASP B 83 -50.00 2.49 35.72
N ARG B 84 -49.28 3.09 36.68
CA ARG B 84 -49.42 4.50 36.89
C ARG B 84 -49.08 5.33 35.67
N ALA B 85 -48.05 4.90 34.95
CA ALA B 85 -47.66 5.66 33.78
C ALA B 85 -48.78 5.62 32.77
N PHE B 86 -49.33 4.44 32.55
CA PHE B 86 -50.43 4.30 31.60
C PHE B 86 -51.60 5.22 32.00
N GLU B 87 -52.00 5.15 33.26
CA GLU B 87 -53.09 5.96 33.77
C GLU B 87 -52.86 7.41 33.43
N GLU B 88 -51.71 7.95 33.81
CA GLU B 88 -51.42 9.35 33.51
C GLU B 88 -51.58 9.68 32.02
N ALA B 89 -51.08 8.80 31.18
CA ALA B 89 -51.14 9.03 29.76
C ALA B 89 -52.53 8.88 29.21
N ALA B 90 -53.26 7.91 29.72
CA ALA B 90 -54.57 7.65 29.16
C ALA B 90 -55.75 8.27 29.88
N GLY B 91 -55.53 8.65 31.13
CA GLY B 91 -56.60 9.23 31.93
C GLY B 91 -57.72 8.19 32.18
N SER B 92 -58.97 8.68 32.19
CA SER B 92 -60.16 7.86 32.42
C SER B 92 -60.18 6.60 31.57
N ALA B 93 -59.96 6.78 30.28
CA ALA B 93 -60.00 5.68 29.34
C ALA B 93 -59.20 4.46 29.79
N GLU B 94 -59.61 3.32 29.25
CA GLU B 94 -58.96 2.06 29.53
C GLU B 94 -57.97 1.88 28.39
N THR B 95 -57.99 2.83 27.45
CA THR B 95 -57.16 2.75 26.27
C THR B 95 -56.45 4.05 25.95
N LEU B 96 -55.39 3.97 25.15
CA LEU B 96 -54.70 5.17 24.73
C LEU B 96 -55.14 5.39 23.30
N SER B 97 -55.64 6.59 23.03
CA SER B 97 -56.06 6.95 21.68
C SER B 97 -54.85 7.63 21.10
N VAL B 98 -54.80 7.62 19.77
CA VAL B 98 -53.71 8.24 19.06
C VAL B 98 -53.38 9.62 19.55
N GLU B 99 -54.40 10.38 19.88
CA GLU B 99 -54.18 11.75 20.33
C GLU B 99 -53.57 11.79 21.72
N ARG B 100 -53.90 10.77 22.50
CA ARG B 100 -53.40 10.66 23.84
C ARG B 100 -51.97 10.13 23.76
N LEU B 101 -51.76 9.18 22.87
CA LEU B 101 -50.42 8.64 22.68
C LEU B 101 -49.48 9.78 22.31
N VAL B 102 -49.88 10.53 21.30
CA VAL B 102 -49.09 11.64 20.80
C VAL B 102 -48.71 12.59 21.90
N THR B 103 -49.68 12.95 22.70
CA THR B 103 -49.38 13.84 23.80
C THR B 103 -48.33 13.23 24.73
N PHE B 104 -48.42 11.91 24.91
CA PHE B 104 -47.47 11.21 25.77
C PHE B 104 -46.07 11.28 25.13
N LEU B 105 -46.01 10.93 23.84
CA LEU B 105 -44.78 10.97 23.06
C LEU B 105 -44.11 12.31 23.13
N GLN B 106 -44.91 13.35 23.20
CA GLN B 106 -44.35 14.68 23.22
C GLN B 106 -44.00 15.09 24.60
N HIS B 107 -44.99 15.04 25.46
CA HIS B 107 -44.79 15.52 26.81
C HIS B 107 -43.91 14.66 27.70
N GLN B 108 -44.12 13.35 27.62
CA GLN B 108 -43.34 12.44 28.44
C GLN B 108 -42.05 11.99 27.76
N GLN B 109 -42.20 11.39 26.58
CA GLN B 109 -41.08 10.88 25.84
C GLN B 109 -40.29 11.96 25.14
N ARG B 110 -40.81 13.17 25.11
CA ARG B 110 -40.12 14.26 24.43
C ARG B 110 -39.61 13.96 23.04
N GLU B 111 -40.44 13.31 22.23
CA GLU B 111 -40.07 13.01 20.86
C GLU B 111 -40.26 14.24 19.99
N GLU B 112 -39.31 14.48 19.09
CA GLU B 112 -39.39 15.63 18.19
C GLU B 112 -40.41 15.31 17.08
N GLU B 113 -40.33 14.07 16.59
CA GLU B 113 -41.22 13.61 15.53
C GLU B 113 -42.58 13.21 16.12
N ALA B 114 -42.82 13.64 17.37
CA ALA B 114 -44.07 13.33 18.03
C ALA B 114 -45.22 13.80 17.15
N GLY B 115 -46.10 12.88 16.79
CA GLY B 115 -47.24 13.16 15.94
C GLY B 115 -47.94 11.86 15.60
N PRO B 116 -49.11 12.01 15.01
CA PRO B 116 -49.94 10.87 14.65
C PRO B 116 -49.20 9.82 13.87
N ALA B 117 -48.35 10.24 12.95
CA ALA B 117 -47.60 9.26 12.15
C ALA B 117 -46.86 8.33 13.09
N LEU B 118 -46.24 8.93 14.11
CA LEU B 118 -45.49 8.18 15.10
C LEU B 118 -46.39 7.34 15.96
N ALA B 119 -47.28 8.01 16.68
CA ALA B 119 -48.20 7.39 17.61
C ALA B 119 -48.82 6.16 16.96
N LEU B 120 -49.04 6.32 15.68
CA LEU B 120 -49.67 5.29 14.89
C LEU B 120 -48.81 4.10 14.57
N SER B 121 -47.59 4.37 14.13
CA SER B 121 -46.67 3.28 13.77
C SER B 121 -46.44 2.43 15.00
N LEU B 122 -46.34 3.11 16.13
CA LEU B 122 -46.10 2.41 17.37
C LEU B 122 -47.20 1.38 17.59
N ILE B 123 -48.45 1.82 17.46
CA ILE B 123 -49.60 0.94 17.63
C ILE B 123 -49.63 -0.23 16.65
N GLU B 124 -49.39 0.06 15.38
CA GLU B 124 -49.39 -1.01 14.40
C GLU B 124 -48.35 -2.02 14.81
N ARG B 125 -47.15 -1.50 15.06
CA ARG B 125 -45.99 -2.27 15.49
C ARG B 125 -46.10 -2.97 16.85
N TYR B 126 -46.65 -2.28 17.85
CA TYR B 126 -46.69 -2.90 19.16
C TYR B 126 -48.00 -3.38 19.78
N GLU B 127 -49.13 -2.80 19.37
CA GLU B 127 -50.41 -3.19 19.96
C GLU B 127 -50.80 -4.64 19.69
N PRO B 128 -51.02 -5.40 20.77
CA PRO B 128 -51.43 -6.80 20.66
C PRO B 128 -52.95 -6.95 20.32
N SER B 129 -53.80 -6.09 20.91
CA SER B 129 -55.26 -6.15 20.67
C SER B 129 -55.67 -5.84 19.22
N GLU B 130 -56.04 -6.90 18.51
CA GLU B 130 -56.43 -6.81 17.13
C GLU B 130 -57.47 -5.72 16.94
N THR B 131 -58.36 -5.65 17.93
CA THR B 131 -59.43 -4.69 17.93
C THR B 131 -58.92 -3.25 18.01
N ALA B 132 -58.43 -2.90 19.20
CA ALA B 132 -57.92 -1.57 19.50
C ALA B 132 -57.02 -1.09 18.40
N LYS B 133 -56.19 -2.03 17.93
CA LYS B 133 -55.23 -1.80 16.85
C LYS B 133 -56.03 -1.21 15.71
N ALA B 134 -56.97 -2.02 15.24
CA ALA B 134 -57.87 -1.64 14.18
C ALA B 134 -58.48 -0.27 14.47
N GLN B 135 -58.81 -0.05 15.74
CA GLN B 135 -59.42 1.20 16.16
C GLN B 135 -58.47 2.33 16.48
N ARG B 136 -57.21 2.21 16.06
CA ARG B 136 -56.25 3.26 16.34
C ARG B 136 -56.21 3.58 17.85
N GLN B 137 -56.04 2.51 18.65
CA GLN B 137 -55.92 2.61 20.11
C GLN B 137 -54.85 1.71 20.73
N MET B 138 -54.28 2.14 21.85
CA MET B 138 -53.26 1.35 22.50
C MET B 138 -53.69 0.98 23.88
N THR B 139 -53.59 -0.31 24.16
CA THR B 139 -53.97 -0.83 25.46
C THR B 139 -52.74 -0.75 26.36
N LYS B 140 -52.93 -1.07 27.63
CA LYS B 140 -51.81 -1.00 28.53
C LYS B 140 -50.76 -1.98 28.06
N ASP B 141 -51.23 -3.09 27.53
CA ASP B 141 -50.32 -4.10 27.05
C ASP B 141 -49.48 -3.63 25.90
N GLY B 142 -50.09 -2.97 24.94
CA GLY B 142 -49.33 -2.48 23.82
C GLY B 142 -48.41 -1.38 24.34
N PHE B 143 -48.83 -0.71 25.39
CA PHE B 143 -48.04 0.37 25.96
C PHE B 143 -46.74 -0.23 26.43
N LEU B 144 -46.87 -1.34 27.15
CA LEU B 144 -45.74 -2.06 27.69
C LEU B 144 -44.85 -2.64 26.60
N MET B 145 -45.47 -3.23 25.61
CA MET B 145 -44.78 -3.77 24.46
C MET B 145 -43.90 -2.66 23.91
N TYR B 146 -44.49 -1.51 23.69
CA TYR B 146 -43.74 -0.37 23.16
C TYR B 146 -42.55 -0.01 24.06
N LEU B 147 -42.82 0.11 25.36
CA LEU B 147 -41.80 0.50 26.32
C LEU B 147 -40.61 -0.48 26.45
N LEU B 148 -40.88 -1.73 26.14
CA LEU B 148 -39.87 -2.76 26.24
C LEU B 148 -39.19 -2.97 24.90
N SER B 149 -39.71 -2.30 23.87
CA SER B 149 -39.20 -2.45 22.49
C SER B 149 -37.95 -1.63 22.21
N ALA B 150 -37.47 -1.77 20.98
CA ALA B 150 -36.34 -0.98 20.51
C ALA B 150 -36.70 0.50 20.59
N ASP B 151 -38.00 0.79 20.47
CA ASP B 151 -38.48 2.17 20.54
C ASP B 151 -38.51 2.67 21.98
N GLY B 152 -38.64 1.71 22.91
CA GLY B 152 -38.70 2.07 24.33
C GLY B 152 -37.32 2.11 24.96
N ASN B 153 -36.35 1.59 24.21
CA ASN B 153 -34.97 1.51 24.64
C ASN B 153 -34.39 2.85 25.00
N ALA B 154 -33.69 2.93 26.14
CA ALA B 154 -33.03 4.17 26.55
C ALA B 154 -31.95 4.55 25.53
N PHE B 155 -31.48 3.55 24.78
CA PHE B 155 -30.48 3.82 23.77
C PHE B 155 -31.23 4.10 22.47
N SER B 156 -31.13 5.35 21.99
CA SER B 156 -31.80 5.80 20.77
C SER B 156 -31.77 4.84 19.58
N LEU B 157 -32.92 4.27 19.25
CA LEU B 157 -33.04 3.35 18.12
C LEU B 157 -32.61 4.00 16.81
N ALA B 158 -32.76 5.31 16.73
CA ALA B 158 -32.40 6.05 15.52
C ALA B 158 -30.87 6.04 15.31
N HIS B 159 -30.13 6.00 16.42
CA HIS B 159 -28.68 6.02 16.41
C HIS B 159 -28.09 4.65 16.23
N ARG B 160 -28.96 3.65 16.11
CA ARG B 160 -28.48 2.31 15.91
C ARG B 160 -28.46 1.96 14.46
N ARG B 161 -28.25 2.97 13.63
CA ARG B 161 -28.12 2.79 12.18
C ARG B 161 -27.12 3.85 11.80
N VAL B 162 -26.43 3.66 10.70
CA VAL B 162 -25.46 4.67 10.33
C VAL B 162 -26.24 5.93 10.03
N TYR B 163 -25.92 7.01 10.71
CA TYR B 163 -26.66 8.24 10.49
C TYR B 163 -25.75 9.44 10.45
N GLN B 164 -24.45 9.24 10.61
CA GLN B 164 -23.56 10.39 10.60
C GLN B 164 -22.92 10.66 9.26
N ASP B 165 -22.27 11.81 9.16
CA ASP B 165 -21.57 12.18 7.95
C ASP B 165 -20.36 11.26 7.85
N MET B 166 -20.44 10.28 6.95
CA MET B 166 -19.35 9.30 6.70
C MET B 166 -18.42 9.71 5.53
N ASP B 167 -18.32 11.01 5.30
CA ASP B 167 -17.57 11.53 4.18
C ASP B 167 -16.37 12.34 4.56
N GLN B 168 -16.06 12.38 5.83
CA GLN B 168 -14.91 13.12 6.24
C GLN B 168 -13.70 12.23 6.27
N PRO B 169 -12.54 12.87 6.34
CA PRO B 169 -11.29 12.13 6.38
C PRO B 169 -11.30 11.26 7.64
N LEU B 170 -10.74 10.06 7.53
CA LEU B 170 -10.67 9.13 8.64
C LEU B 170 -10.27 9.75 9.95
N SER B 171 -9.29 10.64 9.92
CA SER B 171 -8.82 11.25 11.16
C SER B 171 -9.92 11.91 11.98
N HIS B 172 -11.08 12.06 11.37
CA HIS B 172 -12.21 12.76 11.99
C HIS B 172 -13.20 11.86 12.77
N TYR B 173 -12.95 10.56 12.73
CA TYR B 173 -13.78 9.57 13.39
C TYR B 173 -13.03 8.88 14.51
N LEU B 174 -13.76 8.31 15.47
CA LEU B 174 -13.14 7.49 16.51
C LEU B 174 -13.27 6.17 15.85
N VAL B 175 -12.24 5.33 15.92
CA VAL B 175 -12.26 4.02 15.27
C VAL B 175 -12.12 2.84 16.26
N SER B 176 -12.97 1.83 16.09
CA SER B 176 -12.94 0.68 16.95
C SER B 176 -11.67 -0.11 16.65
N SER B 177 -10.79 -0.12 17.64
CA SER B 177 -9.50 -0.76 17.53
C SER B 177 -9.21 -1.74 18.63
N SER B 178 -8.62 -2.86 18.23
CA SER B 178 -8.21 -3.94 19.12
C SER B 178 -6.67 -4.05 19.25
N HIS B 179 -6.17 -4.35 20.45
CA HIS B 179 -4.73 -4.49 20.70
C HIS B 179 -4.35 -5.94 20.70
N ASN B 180 -3.28 -6.28 19.98
CA ASN B 180 -2.77 -7.65 19.88
C ASN B 180 -3.91 -8.62 19.69
N THR B 181 -4.70 -8.30 18.71
CA THR B 181 -5.91 -9.01 18.42
C THR B 181 -5.85 -10.49 18.48
N TYR B 182 -4.70 -11.04 18.17
CA TYR B 182 -4.57 -12.50 18.11
C TYR B 182 -4.67 -13.21 19.48
N LEU B 183 -4.50 -12.47 20.56
CA LEU B 183 -4.52 -13.10 21.89
C LEU B 183 -5.93 -13.29 22.48
N LEU B 184 -6.17 -14.46 23.04
CA LEU B 184 -7.44 -14.79 23.70
C LEU B 184 -7.34 -14.51 25.21
N GLU B 185 -6.12 -14.39 25.72
CA GLU B 185 -5.95 -14.19 27.13
C GLU B 185 -4.86 -13.24 27.56
N ASP B 186 -3.90 -13.71 28.36
CA ASP B 186 -2.85 -12.82 28.85
C ASP B 186 -1.83 -12.58 27.73
N GLN B 187 -0.93 -11.64 27.98
CA GLN B 187 0.11 -11.27 27.04
C GLN B 187 1.41 -12.16 27.04
N LEU B 188 1.54 -13.07 28.01
CA LEU B 188 2.79 -13.80 28.19
C LEU B 188 2.82 -15.25 27.81
N THR B 189 1.77 -15.98 28.12
CA THR B 189 1.77 -17.40 27.79
C THR B 189 0.42 -17.91 27.35
N GLY B 190 -0.58 -17.02 27.35
CA GLY B 190 -1.93 -17.42 26.95
C GLY B 190 -1.93 -17.79 25.47
N PRO B 191 -3.04 -18.33 25.01
CA PRO B 191 -3.16 -18.75 23.62
C PRO B 191 -3.49 -17.64 22.66
N SER B 192 -3.20 -17.91 21.39
CA SER B 192 -3.52 -17.01 20.27
C SER B 192 -4.45 -17.85 19.42
N SER B 193 -5.37 -17.20 18.71
CA SER B 193 -6.30 -17.95 17.87
C SER B 193 -6.95 -17.05 16.85
N THR B 194 -7.35 -17.64 15.72
CA THR B 194 -8.03 -16.87 14.70
C THR B 194 -9.41 -16.45 15.27
N GLU B 195 -9.95 -17.29 16.15
CA GLU B 195 -11.22 -16.97 16.77
C GLU B 195 -11.16 -15.61 17.46
N ALA B 196 -9.98 -15.23 17.95
CA ALA B 196 -9.86 -13.92 18.61
C ALA B 196 -10.14 -12.82 17.62
N TYR B 197 -9.71 -13.03 16.37
CA TYR B 197 -9.92 -12.07 15.27
C TYR B 197 -11.41 -12.06 14.90
N ILE B 198 -11.97 -13.24 14.70
CA ILE B 198 -13.38 -13.36 14.38
C ILE B 198 -14.24 -12.68 15.40
N ARG B 199 -13.99 -12.99 16.65
CA ARG B 199 -14.75 -12.42 17.71
C ARG B 199 -14.70 -10.91 17.72
N ALA B 200 -13.52 -10.33 17.58
CA ALA B 200 -13.40 -8.86 17.62
C ALA B 200 -14.10 -8.21 16.41
N LEU B 201 -14.02 -8.89 15.29
CA LEU B 201 -14.63 -8.35 14.08
C LEU B 201 -16.13 -8.39 14.30
N CYS B 202 -16.59 -9.47 14.92
CA CYS B 202 -17.99 -9.60 15.19
C CYS B 202 -18.49 -8.59 16.18
N LYS B 203 -17.61 -8.00 16.97
CA LYS B 203 -18.05 -6.96 17.92
C LYS B 203 -17.83 -5.61 17.24
N GLY B 204 -17.62 -5.68 15.93
CA GLY B 204 -17.44 -4.49 15.10
C GLY B 204 -16.07 -3.85 15.06
N CYS B 205 -15.04 -4.56 15.48
CA CYS B 205 -13.70 -3.96 15.46
C CYS B 205 -13.24 -3.60 14.05
N ARG B 206 -12.57 -2.46 13.90
CA ARG B 206 -12.09 -2.03 12.60
C ARG B 206 -10.56 -2.20 12.45
N CYS B 207 -9.78 -1.78 13.45
CA CYS B 207 -8.34 -2.00 13.35
C CYS B 207 -7.92 -3.16 14.17
N LEU B 208 -7.33 -4.11 13.48
CA LEU B 208 -6.78 -5.33 14.03
C LEU B 208 -5.24 -5.29 14.07
N GLU B 209 -4.62 -6.13 14.92
CA GLU B 209 -3.17 -6.19 15.00
C GLU B 209 -2.60 -7.56 14.72
N LEU B 210 -1.62 -7.59 13.82
CA LEU B 210 -0.92 -8.82 13.46
C LEU B 210 0.55 -8.59 13.76
N ASP B 211 1.12 -9.45 14.61
CA ASP B 211 2.55 -9.38 15.00
C ASP B 211 3.15 -10.54 14.25
N CYS B 212 3.86 -10.23 13.18
CA CYS B 212 4.41 -11.26 12.31
C CYS B 212 5.86 -11.66 12.53
N TRP B 213 6.06 -12.98 12.57
CA TRP B 213 7.37 -13.57 12.83
C TRP B 213 7.54 -14.77 11.91
N ASP B 214 8.80 -15.09 11.60
CA ASP B 214 9.14 -16.21 10.71
C ASP B 214 8.62 -17.52 11.31
N GLY B 215 8.10 -18.39 10.49
CA GLY B 215 7.63 -19.66 11.03
C GLY B 215 8.31 -20.80 10.29
N PRO B 216 8.06 -22.00 10.75
CA PRO B 216 8.60 -23.18 10.11
C PRO B 216 7.99 -23.31 8.75
N ASN B 217 8.60 -24.14 7.93
CA ASN B 217 8.10 -24.37 6.60
C ASN B 217 7.91 -23.07 5.86
N GLN B 218 8.72 -22.08 6.20
CA GLN B 218 8.69 -20.82 5.51
C GLN B 218 7.28 -20.24 5.46
N GLU B 219 6.53 -20.45 6.52
CA GLU B 219 5.18 -19.92 6.61
C GLU B 219 5.18 -18.95 7.78
N PRO B 220 4.97 -17.68 7.51
CA PRO B 220 4.98 -16.68 8.59
C PRO B 220 3.90 -17.00 9.62
N ILE B 221 4.21 -16.71 10.89
CA ILE B 221 3.29 -16.96 11.97
C ILE B 221 3.00 -15.68 12.74
N ILE B 222 2.02 -15.77 13.63
CA ILE B 222 1.65 -14.64 14.45
C ILE B 222 1.60 -15.09 15.90
N TYR B 223 2.18 -14.25 16.77
CA TYR B 223 2.20 -14.47 18.20
C TYR B 223 2.85 -13.25 18.84
N HIS B 224 2.82 -13.17 20.17
CA HIS B 224 3.39 -12.02 20.86
C HIS B 224 4.87 -12.21 21.01
N GLY B 225 5.64 -11.44 20.26
CA GLY B 225 7.08 -11.57 20.26
C GLY B 225 7.73 -11.60 21.63
N TYR B 226 8.69 -12.50 21.77
CA TYR B 226 9.47 -12.63 23.00
C TYR B 226 8.67 -13.11 24.19
N THR B 227 7.60 -13.85 23.95
CA THR B 227 6.81 -14.36 25.06
C THR B 227 6.50 -15.76 24.72
N PHE B 228 5.70 -16.39 25.54
CA PHE B 228 5.42 -17.78 25.30
C PHE B 228 4.03 -17.99 24.80
N THR B 229 3.39 -16.91 24.34
CA THR B 229 2.03 -17.04 23.86
C THR B 229 2.00 -17.99 22.68
N SER B 230 0.96 -18.79 22.57
CA SER B 230 0.88 -19.73 21.45
C SER B 230 0.95 -19.05 20.10
N LYS B 231 1.08 -19.85 19.05
CA LYS B 231 1.28 -19.31 17.70
C LYS B 231 0.29 -19.73 16.66
N ILE B 232 0.07 -18.84 15.70
CA ILE B 232 -0.86 -19.17 14.62
C ILE B 232 -0.30 -18.69 13.30
N LEU B 233 -0.84 -19.23 12.22
CA LEU B 233 -0.39 -18.88 10.89
C LEU B 233 -0.93 -17.56 10.39
N PHE B 234 -0.06 -16.83 9.75
CA PHE B 234 -0.45 -15.56 9.16
C PHE B 234 -1.55 -15.83 8.10
N CYS B 235 -1.38 -16.85 7.29
CA CYS B 235 -2.34 -17.12 6.25
C CYS B 235 -3.71 -17.39 6.82
N ASP B 236 -3.78 -18.25 7.82
CA ASP B 236 -5.03 -18.57 8.49
C ASP B 236 -5.69 -17.34 9.09
N VAL B 237 -4.91 -16.44 9.63
CA VAL B 237 -5.49 -15.23 10.17
C VAL B 237 -6.16 -14.46 9.03
N LEU B 238 -5.45 -14.25 7.94
CA LEU B 238 -5.98 -13.51 6.80
C LEU B 238 -7.29 -14.06 6.30
N ARG B 239 -7.39 -15.37 6.21
CA ARG B 239 -8.63 -15.97 5.74
C ARG B 239 -9.84 -15.58 6.60
N ALA B 240 -9.66 -15.69 7.92
CA ALA B 240 -10.67 -15.35 8.90
C ALA B 240 -11.08 -13.89 8.79
N ILE B 241 -10.07 -13.03 8.63
CA ILE B 241 -10.33 -11.62 8.52
C ILE B 241 -11.11 -11.40 7.24
N ARG B 242 -10.71 -12.09 6.20
CA ARG B 242 -11.38 -11.97 4.92
C ARG B 242 -12.85 -12.32 5.07
N ASP B 243 -13.11 -13.41 5.77
CA ASP B 243 -14.49 -13.84 5.94
C ASP B 243 -15.35 -13.05 6.91
N TYR B 244 -14.78 -12.21 7.75
CA TYR B 244 -15.63 -11.52 8.68
C TYR B 244 -15.43 -10.06 8.70
N ALA B 245 -14.52 -9.57 7.89
CA ALA B 245 -14.21 -8.15 7.94
C ALA B 245 -15.41 -7.21 7.89
N PHE B 246 -16.37 -7.56 7.07
CA PHE B 246 -17.51 -6.69 6.93
C PHE B 246 -18.83 -7.28 7.40
N LYS B 247 -18.76 -8.31 8.21
CA LYS B 247 -19.97 -8.90 8.71
C LYS B 247 -20.73 -7.92 9.56
N ALA B 248 -20.03 -7.07 10.28
CA ALA B 248 -20.72 -6.11 11.14
C ALA B 248 -20.73 -4.70 10.61
N SER B 249 -19.94 -4.43 9.60
CA SER B 249 -19.89 -3.08 9.11
C SER B 249 -19.30 -3.16 7.74
N PRO B 250 -19.59 -2.15 6.94
CA PRO B 250 -19.11 -2.09 5.56
C PRO B 250 -17.86 -1.18 5.49
N TYR B 251 -17.63 -0.41 6.54
CA TYR B 251 -16.50 0.48 6.56
C TYR B 251 -15.16 -0.22 6.68
N PRO B 252 -14.14 0.44 6.13
CA PRO B 252 -12.80 -0.15 6.08
C PRO B 252 -12.20 -0.74 7.39
N VAL B 253 -11.52 -1.86 7.20
CA VAL B 253 -10.75 -2.53 8.23
C VAL B 253 -9.27 -2.23 8.01
N ILE B 254 -8.57 -1.89 9.08
CA ILE B 254 -7.17 -1.59 8.98
C ILE B 254 -6.40 -2.70 9.62
N LEU B 255 -5.36 -3.17 8.94
CA LEU B 255 -4.49 -4.20 9.49
C LEU B 255 -3.13 -3.61 9.84
N SER B 256 -2.79 -3.63 11.12
CA SER B 256 -1.50 -3.16 11.61
C SER B 256 -0.55 -4.31 11.53
N LEU B 257 0.49 -4.14 10.74
CA LEU B 257 1.47 -5.19 10.61
C LEU B 257 2.71 -4.79 11.35
N GLU B 258 3.12 -5.68 12.27
CA GLU B 258 4.36 -5.53 13.04
C GLU B 258 5.16 -6.63 12.45
N ASN B 259 6.08 -6.21 11.59
CA ASN B 259 6.89 -7.11 10.80
C ASN B 259 8.26 -7.45 11.38
N HIS B 260 8.48 -8.73 11.64
CA HIS B 260 9.75 -9.24 12.17
C HIS B 260 10.18 -10.39 11.29
N CYS B 261 9.69 -10.38 10.06
CA CYS B 261 9.99 -11.47 9.19
C CYS B 261 11.23 -11.25 8.37
N SER B 262 11.86 -12.34 8.00
CA SER B 262 12.97 -12.29 7.10
C SER B 262 12.41 -11.79 5.77
N LEU B 263 13.30 -11.34 4.88
CA LEU B 263 12.87 -10.85 3.59
C LEU B 263 12.08 -11.91 2.86
N GLU B 264 12.53 -13.14 2.91
CA GLU B 264 11.82 -14.16 2.22
C GLU B 264 10.40 -14.29 2.75
N GLN B 265 10.26 -14.51 4.05
CA GLN B 265 8.94 -14.67 4.62
C GLN B 265 8.09 -13.42 4.46
N GLN B 266 8.71 -12.24 4.44
CA GLN B 266 7.97 -11.02 4.18
C GLN B 266 7.33 -11.22 2.80
N ARG B 267 8.09 -11.73 1.85
CA ARG B 267 7.58 -11.92 0.52
C ARG B 267 6.40 -12.85 0.59
N VAL B 268 6.47 -13.83 1.47
CA VAL B 268 5.37 -14.77 1.59
C VAL B 268 4.12 -14.07 2.13
N MET B 269 4.31 -13.19 3.08
CA MET B 269 3.21 -12.45 3.64
C MET B 269 2.48 -11.72 2.53
N ALA B 270 3.22 -10.94 1.78
CA ALA B 270 2.64 -10.17 0.69
C ALA B 270 1.88 -11.07 -0.26
N ARG B 271 2.41 -12.24 -0.52
CA ARG B 271 1.72 -13.11 -1.42
C ARG B 271 0.38 -13.52 -0.85
N HIS B 272 0.38 -13.84 0.43
CA HIS B 272 -0.85 -14.24 1.08
C HIS B 272 -1.83 -13.09 1.07
N LEU B 273 -1.34 -11.91 1.41
CA LEU B 273 -2.19 -10.75 1.44
C LEU B 273 -2.87 -10.59 0.12
N ARG B 274 -2.12 -10.66 -0.96
CA ARG B 274 -2.69 -10.50 -2.30
C ARG B 274 -3.60 -11.64 -2.66
N ALA B 275 -3.12 -12.85 -2.46
CA ALA B 275 -3.91 -14.01 -2.83
C ALA B 275 -5.19 -14.17 -2.04
N ILE B 276 -5.13 -13.78 -0.77
CA ILE B 276 -6.25 -13.97 0.11
C ILE B 276 -7.24 -12.84 0.14
N LEU B 277 -6.77 -11.62 0.40
CA LEU B 277 -7.66 -10.46 0.44
C LEU B 277 -8.17 -10.13 -0.96
N GLY B 278 -7.34 -10.44 -1.96
CA GLY B 278 -7.64 -10.14 -3.34
C GLY B 278 -7.96 -8.67 -3.47
N PRO B 279 -9.08 -8.43 -4.11
CA PRO B 279 -9.58 -7.11 -4.40
C PRO B 279 -10.04 -6.32 -3.20
N ILE B 280 -10.22 -6.96 -2.07
CA ILE B 280 -10.64 -6.20 -0.91
C ILE B 280 -9.49 -5.33 -0.47
N LEU B 281 -8.29 -5.79 -0.79
CA LEU B 281 -7.10 -5.08 -0.39
C LEU B 281 -6.85 -3.75 -1.09
N LEU B 282 -6.57 -2.71 -0.32
CA LEU B 282 -6.25 -1.42 -0.91
C LEU B 282 -4.75 -1.46 -1.12
N ASP B 283 -4.34 -1.53 -2.39
CA ASP B 283 -2.91 -1.59 -2.75
C ASP B 283 -2.48 -0.37 -3.53
N GLN B 284 -3.38 0.58 -3.66
CA GLN B 284 -3.07 1.76 -4.43
C GLN B 284 -3.99 2.91 -4.10
N PRO B 285 -3.38 4.07 -3.99
CA PRO B 285 -4.08 5.29 -3.64
C PRO B 285 -5.41 5.50 -4.35
N LEU B 286 -6.27 6.20 -3.65
CA LEU B 286 -7.57 6.45 -4.18
C LEU B 286 -7.53 7.66 -5.08
N ASP B 287 -8.43 7.67 -6.04
CA ASP B 287 -8.54 8.81 -6.94
C ASP B 287 -9.24 9.93 -6.16
N GLY B 288 -8.67 11.12 -6.15
CA GLY B 288 -9.31 12.24 -5.48
C GLY B 288 -8.75 12.56 -4.14
N VAL B 289 -8.05 11.59 -3.54
CA VAL B 289 -7.49 11.78 -2.21
C VAL B 289 -6.05 12.21 -2.32
N THR B 290 -5.79 13.46 -1.91
CA THR B 290 -4.45 14.03 -2.00
C THR B 290 -4.02 14.90 -0.84
N THR B 291 -4.96 15.62 -0.25
CA THR B 291 -4.57 16.52 0.83
C THR B 291 -5.13 16.11 2.19
N SER B 292 -5.65 14.89 2.27
CA SER B 292 -6.24 14.41 3.51
C SER B 292 -6.43 12.91 3.42
N LEU B 293 -6.73 12.30 4.54
CA LEU B 293 -6.97 10.86 4.53
C LEU B 293 -8.29 10.60 3.84
N PRO B 294 -8.45 9.44 3.25
CA PRO B 294 -9.72 9.08 2.64
C PRO B 294 -10.82 9.14 3.70
N SER B 295 -12.06 8.92 3.27
CA SER B 295 -13.19 8.92 4.19
C SER B 295 -13.60 7.46 4.31
N PRO B 296 -14.39 7.16 5.33
CA PRO B 296 -14.87 5.79 5.50
C PRO B 296 -15.67 5.40 4.26
N GLU B 297 -16.42 6.35 3.73
CA GLU B 297 -17.21 6.08 2.55
C GLU B 297 -16.29 5.76 1.39
N GLN B 298 -15.28 6.59 1.22
CA GLN B 298 -14.33 6.34 0.14
C GLN B 298 -13.58 5.04 0.26
N LEU B 299 -13.49 4.48 1.47
CA LEU B 299 -12.75 3.23 1.67
C LEU B 299 -13.65 2.05 1.98
N LYS B 300 -14.94 2.28 1.81
CA LYS B 300 -15.93 1.25 2.06
C LYS B 300 -15.59 -0.05 1.35
N GLY B 301 -15.69 -1.16 2.07
CA GLY B 301 -15.42 -2.49 1.52
C GLY B 301 -13.95 -2.81 1.37
N LYS B 302 -13.11 -1.89 1.81
CA LYS B 302 -11.67 -2.08 1.68
C LYS B 302 -10.96 -2.41 3.01
N ILE B 303 -9.82 -3.06 2.87
CA ILE B 303 -8.93 -3.33 4.00
C ILE B 303 -7.62 -2.65 3.66
N LEU B 304 -7.15 -1.78 4.54
CA LEU B 304 -5.86 -1.14 4.31
C LEU B 304 -4.84 -1.54 5.36
N LEU B 305 -3.59 -1.67 4.93
CA LEU B 305 -2.49 -2.09 5.78
C LEU B 305 -1.86 -0.89 6.39
N LYS B 306 -1.40 -1.03 7.62
CA LYS B 306 -0.66 0.01 8.31
C LYS B 306 0.67 -0.64 8.65
N GLY B 307 1.77 0.09 8.47
CA GLY B 307 3.08 -0.47 8.74
C GLY B 307 4.22 0.45 8.30
N LYS B 308 5.42 -0.12 8.26
CA LYS B 308 6.62 0.61 7.85
C LYS B 308 6.74 0.64 6.34
N LYS B 309 7.14 1.79 5.81
CA LYS B 309 7.30 1.96 4.36
C LYS B 309 8.75 2.37 4.05
N LEU B 310 9.33 1.80 3.01
CA LEU B 310 10.71 2.13 2.66
C LEU B 310 10.77 3.64 2.44
N GLY B 311 11.72 4.30 3.10
CA GLY B 311 11.86 5.78 3.05
C GLY B 311 11.66 6.41 1.68
N GLY B 312 11.26 7.67 1.66
CA GLY B 312 11.05 8.41 0.41
C GLY B 312 12.09 9.53 0.31
N LEU B 313 11.63 10.72 -0.04
CA LEU B 313 12.56 11.84 -0.14
C LEU B 313 13.11 12.26 1.23
N ASP B 352 17.59 0.21 4.70
CA ASP B 352 16.14 0.01 4.76
C ASP B 352 15.74 -1.13 3.82
N LYS B 353 16.30 -1.08 2.62
CA LYS B 353 16.02 -2.06 1.57
C LYS B 353 16.40 -3.49 1.91
N LEU B 354 17.47 -3.65 2.66
CA LEU B 354 17.90 -5.00 3.03
C LEU B 354 17.11 -5.43 4.25
N LYS B 355 16.18 -4.56 4.67
CA LYS B 355 15.33 -4.82 5.82
C LYS B 355 13.85 -5.01 5.41
N LEU B 356 13.37 -4.19 4.47
CA LEU B 356 11.97 -4.29 4.09
C LEU B 356 11.68 -4.44 2.58
N VAL B 357 11.11 -5.57 2.21
CA VAL B 357 10.78 -5.83 0.82
C VAL B 357 9.73 -4.87 0.25
N PRO B 358 9.90 -4.52 -1.01
CA PRO B 358 9.01 -3.60 -1.70
C PRO B 358 7.63 -4.18 -1.80
N GLU B 359 7.57 -5.49 -1.95
CA GLU B 359 6.31 -6.18 -2.06
C GLU B 359 5.37 -5.78 -0.92
N LEU B 360 5.90 -5.60 0.27
CA LEU B 360 5.09 -5.21 1.39
C LEU B 360 5.06 -3.72 1.47
N SER B 361 6.23 -3.09 1.46
CA SER B 361 6.29 -1.64 1.57
C SER B 361 5.38 -0.93 0.58
N ASP B 362 5.22 -1.54 -0.58
CA ASP B 362 4.40 -0.95 -1.63
C ASP B 362 2.91 -0.98 -1.36
N MET B 363 2.51 -1.81 -0.40
CA MET B 363 1.11 -1.98 -0.02
C MET B 363 0.65 -0.98 1.03
N ILE B 364 1.59 -0.34 1.70
CA ILE B 364 1.26 0.61 2.74
C ILE B 364 0.91 1.89 2.04
N ILE B 365 -0.35 2.28 2.08
CA ILE B 365 -0.78 3.51 1.41
C ILE B 365 -1.09 4.71 2.29
N TYR B 366 -2.09 4.59 3.15
CA TYR B 366 -2.52 5.73 3.95
C TYR B 366 -2.08 5.78 5.38
N CYS B 367 -1.40 4.74 5.86
CA CYS B 367 -0.94 4.73 7.24
C CYS B 367 0.50 4.21 7.42
N LYS B 368 1.46 5.09 7.19
CA LYS B 368 2.83 4.69 7.35
C LYS B 368 3.16 4.82 8.83
N SER B 369 3.73 3.78 9.42
CA SER B 369 4.12 3.83 10.82
C SER B 369 5.29 4.78 10.94
N VAL B 370 5.20 5.74 11.84
CA VAL B 370 6.27 6.67 12.02
C VAL B 370 6.47 6.83 13.50
N HIS B 371 7.62 7.34 13.90
CA HIS B 371 7.91 7.58 15.31
C HIS B 371 7.33 8.94 15.57
N PHE B 372 6.90 9.20 16.80
CA PHE B 372 6.34 10.49 17.08
C PHE B 372 7.33 11.62 16.94
N GLY B 373 7.03 12.53 16.02
CA GLY B 373 7.88 13.70 15.78
C GLY B 373 7.60 14.76 16.83
N GLY B 374 6.41 15.34 16.78
CA GLY B 374 6.00 16.35 17.74
C GLY B 374 4.79 17.06 17.16
N PHE B 375 4.27 18.04 17.92
CA PHE B 375 3.11 18.83 17.48
C PHE B 375 3.59 20.03 16.63
N SER B 376 3.05 20.11 15.41
CA SER B 376 3.47 21.08 14.38
C SER B 376 3.16 22.57 14.30
N SER B 377 2.20 23.09 15.07
CA SER B 377 1.89 24.54 15.02
C SER B 377 3.16 25.44 15.05
N PRO B 378 4.24 24.94 15.70
CA PRO B 378 5.55 25.64 15.73
C PRO B 378 6.07 25.91 14.31
N GLY B 379 5.37 25.33 13.34
CA GLY B 379 5.70 25.51 11.94
C GLY B 379 4.41 25.33 11.18
N THR B 380 4.40 24.34 10.29
CA THR B 380 3.23 24.02 9.48
C THR B 380 3.48 22.61 9.01
N SER B 381 4.71 22.16 9.21
CA SER B 381 5.14 20.83 8.83
C SER B 381 5.24 19.92 10.05
N GLY B 382 4.80 18.69 9.87
CA GLY B 382 4.87 17.67 10.92
C GLY B 382 4.59 16.34 10.21
N GLN B 383 3.87 15.43 10.87
CA GLN B 383 3.59 14.19 10.17
C GLN B 383 2.56 14.39 9.10
N ALA B 384 2.73 13.62 8.05
CA ALA B 384 1.83 13.69 6.95
C ALA B 384 0.54 13.03 7.39
N PHE B 385 -0.53 13.43 6.75
CA PHE B 385 -1.81 12.85 7.04
C PHE B 385 -1.73 11.37 6.81
N TYR B 386 -0.82 10.92 5.96
CA TYR B 386 -0.75 9.50 5.71
C TYR B 386 0.22 8.83 6.66
N GLU B 387 0.64 9.56 7.68
CA GLU B 387 1.57 9.01 8.65
C GLU B 387 0.92 8.79 10.00
N MET B 388 1.13 7.61 10.58
CA MET B 388 0.53 7.27 11.89
C MET B 388 1.48 6.95 13.03
N ALA B 389 1.42 7.74 14.09
CA ALA B 389 2.25 7.49 15.24
C ALA B 389 1.47 6.72 16.28
N SER B 390 2.19 6.02 17.15
CA SER B 390 1.57 5.29 18.25
C SER B 390 2.09 5.76 19.60
N PHE B 391 1.26 5.68 20.61
CA PHE B 391 1.67 6.10 21.91
C PHE B 391 1.18 5.13 22.91
N SER B 392 2.02 4.87 23.88
CA SER B 392 1.64 3.98 24.94
C SER B 392 0.67 4.81 25.76
N GLU B 393 -0.10 4.10 26.57
CA GLU B 393 -1.04 4.68 27.46
C GLU B 393 -0.38 5.77 28.29
N SER B 394 0.77 5.46 28.82
CA SER B 394 1.52 6.41 29.66
C SER B 394 1.98 7.66 28.93
N ARG B 395 2.61 7.48 27.77
CA ARG B 395 3.11 8.63 27.01
C ARG B 395 1.94 9.51 26.63
N ALA B 396 0.89 8.86 26.18
CA ALA B 396 -0.32 9.56 25.78
C ALA B 396 -0.80 10.47 26.91
N LEU B 397 -0.89 9.93 28.12
CA LEU B 397 -1.34 10.75 29.22
C LEU B 397 -0.46 11.93 29.49
N ARG B 398 0.85 11.77 29.29
CA ARG B 398 1.81 12.84 29.50
C ARG B 398 1.60 13.93 28.47
N LEU B 399 1.46 13.50 27.23
CA LEU B 399 1.25 14.44 26.14
C LEU B 399 -0.04 15.21 26.34
N LEU B 400 -1.03 14.53 26.90
CA LEU B 400 -2.34 15.15 27.13
C LEU B 400 -2.28 16.10 28.29
N GLN B 401 -1.47 15.76 29.27
CA GLN B 401 -1.31 16.56 30.44
C GLN B 401 -0.57 17.82 30.07
N GLU B 402 0.49 17.66 29.28
CA GLU B 402 1.31 18.79 28.90
C GLU B 402 0.89 19.52 27.66
N SER B 403 0.50 18.79 26.65
CA SER B 403 0.17 19.43 25.40
C SER B 403 -1.18 19.04 24.91
N GLY B 404 -2.16 19.10 25.81
CA GLY B 404 -3.54 18.74 25.50
C GLY B 404 -4.01 19.25 24.14
N ASN B 405 -3.95 20.57 23.96
CA ASN B 405 -4.41 21.18 22.72
C ASN B 405 -3.60 20.82 21.45
N GLY B 406 -2.29 20.59 21.62
CA GLY B 406 -1.44 20.25 20.50
C GLY B 406 -1.87 18.88 20.04
N PHE B 407 -2.10 18.00 20.99
CA PHE B 407 -2.48 16.64 20.64
C PHE B 407 -3.80 16.64 19.93
N VAL B 408 -4.73 17.42 20.48
CA VAL B 408 -6.04 17.54 19.87
C VAL B 408 -5.93 18.05 18.44
N ARG B 409 -5.30 19.21 18.29
CA ARG B 409 -5.12 19.81 16.96
C ARG B 409 -4.38 18.80 16.06
N HIS B 410 -3.38 18.12 16.63
CA HIS B 410 -2.63 17.15 15.88
C HIS B 410 -3.58 16.13 15.32
N ASN B 411 -4.50 15.68 16.16
CA ASN B 411 -5.46 14.65 15.78
C ASN B 411 -6.55 14.99 14.79
N VAL B 412 -6.63 16.25 14.40
CA VAL B 412 -7.63 16.64 13.45
C VAL B 412 -7.32 16.05 12.07
N SER B 413 -6.06 16.11 11.69
CA SER B 413 -5.68 15.64 10.37
C SER B 413 -4.92 14.35 10.43
N CYS B 414 -4.50 13.98 11.63
CA CYS B 414 -3.71 12.77 11.81
C CYS B 414 -4.33 11.69 12.68
N LEU B 415 -4.17 10.44 12.26
CA LEU B 415 -4.61 9.28 13.03
C LEU B 415 -3.50 8.96 14.07
N SER B 416 -3.87 8.86 15.34
CA SER B 416 -2.94 8.50 16.43
C SER B 416 -3.42 7.19 17.02
N ARG B 417 -2.50 6.29 17.27
CA ARG B 417 -2.88 5.03 17.88
C ARG B 417 -2.33 5.00 19.29
N ILE B 418 -3.14 4.50 20.21
CA ILE B 418 -2.76 4.40 21.62
C ILE B 418 -2.83 2.95 21.98
N TYR B 419 -1.93 2.49 22.83
CA TYR B 419 -1.95 1.10 23.22
C TYR B 419 -1.69 0.98 24.72
N PRO B 420 -2.10 -0.13 25.30
CA PRO B 420 -2.01 -0.37 26.74
C PRO B 420 -0.59 -0.45 27.28
N ALA B 421 -0.39 0.14 28.47
CA ALA B 421 0.91 0.10 29.14
C ALA B 421 1.45 -1.33 29.18
N GLY B 422 2.76 -1.46 29.08
CA GLY B 422 3.38 -2.79 29.06
C GLY B 422 3.13 -3.65 30.29
N TRP B 423 2.97 -3.02 31.45
CA TRP B 423 2.72 -3.77 32.66
C TRP B 423 1.40 -4.49 32.67
N ARG B 424 0.56 -4.23 31.68
CA ARG B 424 -0.75 -4.87 31.63
C ARG B 424 -0.69 -6.23 31.01
N THR B 425 0.19 -7.06 31.55
CA THR B 425 0.40 -8.41 31.03
C THR B 425 -0.79 -9.31 31.22
N ASP B 426 -1.76 -8.86 32.01
CA ASP B 426 -2.98 -9.61 32.23
C ASP B 426 -4.05 -9.23 31.20
N SER B 427 -3.66 -8.36 30.26
CA SER B 427 -4.56 -7.90 29.23
C SER B 427 -5.64 -7.04 29.83
N SER B 428 -5.31 -6.37 30.92
CA SER B 428 -6.26 -5.46 31.53
C SER B 428 -6.38 -4.31 30.54
N ASN B 429 -7.35 -3.39 30.73
CA ASN B 429 -7.54 -2.27 29.81
C ASN B 429 -7.53 -0.95 30.51
N TYR B 430 -7.12 0.12 29.82
CA TYR B 430 -7.14 1.46 30.40
C TYR B 430 -8.46 2.10 29.92
N SER B 431 -8.78 3.25 30.46
CA SER B 431 -10.03 3.91 30.08
C SER B 431 -9.80 4.66 28.79
N PRO B 432 -10.64 4.38 27.82
CA PRO B 432 -10.52 4.98 26.49
C PRO B 432 -10.92 6.44 26.45
N VAL B 433 -11.85 6.78 27.33
CA VAL B 433 -12.38 8.12 27.38
C VAL B 433 -11.31 9.17 27.43
N GLU B 434 -10.32 8.99 28.27
CA GLU B 434 -9.32 10.03 28.36
C GLU B 434 -8.59 10.27 27.06
N MET B 435 -8.50 9.25 26.24
CA MET B 435 -7.83 9.37 24.96
C MET B 435 -8.76 10.07 23.95
N TRP B 436 -10.00 9.63 23.93
CA TRP B 436 -10.99 10.22 23.07
C TRP B 436 -11.08 11.71 23.34
N ASN B 437 -10.92 12.09 24.60
CA ASN B 437 -10.99 13.49 24.94
C ASN B 437 -9.89 14.30 24.31
N GLY B 438 -8.91 13.63 23.73
CA GLY B 438 -7.79 14.32 23.11
C GLY B 438 -7.85 14.12 21.61
N GLY B 439 -8.93 13.48 21.17
CA GLY B 439 -9.11 13.26 19.74
C GLY B 439 -8.44 12.02 19.24
N CYS B 440 -7.87 11.21 20.13
CA CYS B 440 -7.18 9.99 19.68
C CYS B 440 -8.19 9.06 19.15
N GLN B 441 -7.92 8.56 17.96
CA GLN B 441 -8.89 7.72 17.31
C GLN B 441 -8.67 6.23 17.30
N ILE B 442 -7.43 5.79 17.20
CA ILE B 442 -7.17 4.35 17.17
C ILE B 442 -6.75 3.90 18.56
N VAL B 443 -7.70 3.96 19.49
CA VAL B 443 -7.51 3.62 20.89
C VAL B 443 -7.68 2.13 21.03
N ALA B 444 -6.55 1.42 20.97
CA ALA B 444 -6.51 -0.04 21.00
C ALA B 444 -6.69 -0.63 22.39
N LEU B 445 -7.63 -1.57 22.49
CA LEU B 445 -7.95 -2.19 23.77
C LEU B 445 -7.90 -3.67 23.58
N ASN B 446 -7.75 -4.40 24.68
CA ASN B 446 -7.73 -5.86 24.63
C ASN B 446 -9.20 -6.31 24.62
N PHE B 447 -9.71 -6.55 23.42
CA PHE B 447 -11.10 -6.90 23.24
C PHE B 447 -11.53 -8.15 23.95
N GLN B 448 -10.59 -8.91 24.46
CA GLN B 448 -10.88 -10.22 25.07
C GLN B 448 -11.15 -10.11 26.55
N THR B 449 -10.85 -8.95 27.11
CA THR B 449 -10.99 -8.68 28.53
C THR B 449 -12.29 -7.90 28.97
N PRO B 450 -13.18 -8.57 29.69
CA PRO B 450 -14.42 -7.93 30.15
C PRO B 450 -14.09 -6.93 31.20
N GLY B 451 -14.85 -5.84 31.27
CA GLY B 451 -14.60 -4.83 32.28
C GLY B 451 -15.29 -3.59 31.85
N PRO B 452 -15.28 -2.62 32.73
CA PRO B 452 -15.94 -1.36 32.49
C PRO B 452 -15.35 -0.67 31.28
N GLU B 453 -14.06 -0.90 31.06
CA GLU B 453 -13.34 -0.25 29.96
C GLU B 453 -13.90 -0.73 28.65
N MET B 454 -14.00 -2.02 28.47
CA MET B 454 -14.58 -2.48 27.24
C MET B 454 -16.08 -2.15 27.19
N ASP B 455 -16.69 -1.98 28.35
CA ASP B 455 -18.12 -1.67 28.43
C ASP B 455 -18.33 -0.27 27.82
N VAL B 456 -17.52 0.67 28.27
CA VAL B 456 -17.64 1.99 27.73
C VAL B 456 -17.26 1.97 26.27
N TYR B 457 -16.25 1.18 25.90
CA TYR B 457 -15.78 1.15 24.52
C TYR B 457 -16.89 0.74 23.60
N LEU B 458 -17.47 -0.41 23.87
CA LEU B 458 -18.55 -0.87 23.01
C LEU B 458 -19.85 -0.09 23.14
N GLY B 459 -19.95 0.73 24.18
CA GLY B 459 -21.14 1.58 24.35
C GLY B 459 -20.99 2.67 23.28
N CYS B 460 -19.81 3.26 23.25
CA CYS B 460 -19.48 4.25 22.26
C CYS B 460 -19.68 3.68 20.87
N PHE B 461 -19.14 2.51 20.63
CA PHE B 461 -19.24 1.93 19.28
C PHE B 461 -20.54 1.28 18.90
N GLN B 462 -21.53 1.42 19.76
CA GLN B 462 -22.81 0.86 19.40
C GLN B 462 -23.50 1.99 18.60
N ASP B 463 -23.05 3.21 18.86
CA ASP B 463 -23.56 4.39 18.18
C ASP B 463 -23.31 4.26 16.69
N ASN B 464 -23.89 5.19 15.92
CA ASN B 464 -23.74 5.20 14.47
C ASN B 464 -23.90 3.84 13.85
N GLY B 465 -24.91 3.12 14.30
CA GLY B 465 -25.24 1.83 13.75
C GLY B 465 -24.18 0.79 13.98
N GLY B 466 -23.27 1.09 14.90
CA GLY B 466 -22.18 0.17 15.26
C GLY B 466 -21.24 -0.18 14.07
N CYS B 467 -21.03 0.78 13.17
CA CYS B 467 -20.20 0.58 11.97
C CYS B 467 -18.71 0.64 12.29
N GLY B 468 -18.34 1.18 13.46
CA GLY B 468 -16.95 1.22 13.86
C GLY B 468 -16.28 2.57 13.69
N TYR B 469 -17.00 3.48 13.05
CA TYR B 469 -16.46 4.82 12.85
C TYR B 469 -17.50 5.75 13.42
N VAL B 470 -17.10 6.57 14.38
CA VAL B 470 -18.01 7.48 15.06
C VAL B 470 -17.42 8.86 14.94
N LEU B 471 -18.18 9.75 14.33
CA LEU B 471 -17.73 11.09 14.06
C LEU B 471 -17.42 11.90 15.27
N LYS B 472 -16.22 12.47 15.31
CA LYS B 472 -15.86 13.26 16.46
C LYS B 472 -16.72 14.51 16.52
N PRO B 473 -16.77 15.15 17.67
CA PRO B 473 -17.50 16.39 17.81
C PRO B 473 -16.77 17.40 16.96
N ALA B 474 -17.53 18.35 16.42
CA ALA B 474 -16.98 19.37 15.57
C ALA B 474 -15.74 20.06 16.14
N PHE B 475 -15.80 20.44 17.40
CA PHE B 475 -14.63 21.10 17.95
C PHE B 475 -13.40 20.21 17.97
N LEU B 476 -13.57 18.92 17.76
CA LEU B 476 -12.40 18.05 17.75
C LEU B 476 -12.08 17.80 16.30
N ARG B 477 -12.64 18.64 15.46
CA ARG B 477 -12.42 18.55 14.02
C ARG B 477 -12.05 19.91 13.47
N ASP B 478 -11.64 20.81 14.36
CA ASP B 478 -11.25 22.15 13.99
C ASP B 478 -9.79 22.37 14.27
N PRO B 479 -9.01 22.40 13.21
CA PRO B 479 -7.58 22.60 13.31
C PRO B 479 -7.20 23.79 14.17
N ASN B 480 -8.12 24.70 14.43
CA ASN B 480 -7.76 25.84 15.25
C ASN B 480 -8.48 25.88 16.58
N THR B 481 -8.86 24.72 17.11
CA THR B 481 -9.54 24.69 18.39
C THR B 481 -8.66 25.12 19.51
N THR B 482 -9.25 25.77 20.48
CA THR B 482 -8.50 26.14 21.63
C THR B 482 -8.81 25.10 22.71
N PHE B 483 -9.62 24.12 22.34
CA PHE B 483 -10.07 23.06 23.27
C PHE B 483 -9.01 22.24 23.97
N ASN B 484 -9.23 21.97 25.26
CA ASN B 484 -8.34 21.15 26.06
C ASN B 484 -9.19 20.64 27.20
N SER B 485 -9.63 19.40 27.07
CA SER B 485 -10.50 18.78 28.05
C SER B 485 -9.99 18.93 29.47
N ARG B 486 -8.72 19.23 29.61
CA ARG B 486 -8.17 19.41 30.95
C ARG B 486 -7.95 20.85 31.36
N ALA B 487 -8.33 21.78 30.51
CA ALA B 487 -8.18 23.21 30.80
C ALA B 487 -9.32 23.82 30.05
N LEU B 488 -10.51 23.60 30.58
CA LEU B 488 -11.72 24.06 29.94
C LEU B 488 -11.94 25.54 30.04
N THR B 489 -12.25 26.12 28.90
CA THR B 489 -12.54 27.52 28.82
C THR B 489 -13.87 27.55 28.09
N GLN B 490 -14.37 28.75 27.83
CA GLN B 490 -15.62 28.88 27.12
C GLN B 490 -15.39 28.48 25.67
N GLY B 491 -16.41 27.89 25.06
CA GLY B 491 -16.30 27.44 23.70
C GLY B 491 -17.50 26.58 23.42
N PRO B 492 -17.70 26.29 22.16
CA PRO B 492 -18.82 25.47 21.72
C PRO B 492 -18.96 24.13 22.46
N TRP B 493 -17.86 23.62 23.01
CA TRP B 493 -17.89 22.35 23.71
C TRP B 493 -18.55 22.55 25.04
N TRP B 494 -18.39 23.75 25.57
CA TRP B 494 -18.95 24.09 26.85
C TRP B 494 -20.43 24.31 26.69
N ARG B 495 -21.23 23.35 27.14
CA ARG B 495 -22.69 23.40 27.03
C ARG B 495 -23.36 22.59 28.14
N PRO B 496 -23.30 23.12 29.35
CA PRO B 496 -23.85 22.44 30.52
C PRO B 496 -25.31 21.98 30.43
N GLU B 497 -25.56 20.77 30.90
CA GLU B 497 -26.89 20.19 30.93
C GLU B 497 -27.07 19.57 32.29
N ARG B 498 -28.32 19.46 32.74
CA ARG B 498 -28.63 18.87 34.03
C ARG B 498 -29.27 17.56 33.62
N LEU B 499 -28.74 16.45 34.12
CA LEU B 499 -29.34 15.18 33.79
C LEU B 499 -29.91 14.55 35.02
N ARG B 500 -31.09 13.99 34.86
CA ARG B 500 -31.75 13.32 35.95
C ARG B 500 -32.05 11.93 35.49
N VAL B 501 -31.69 11.00 36.34
CA VAL B 501 -31.97 9.62 36.04
C VAL B 501 -32.62 9.04 37.26
N ARG B 502 -33.78 8.44 37.03
CA ARG B 502 -34.51 7.82 38.11
C ARG B 502 -34.51 6.36 37.84
N ILE B 503 -33.89 5.64 38.75
CA ILE B 503 -33.83 4.22 38.61
C ILE B 503 -35.12 3.77 39.24
N ILE B 504 -36.02 3.27 38.42
CA ILE B 504 -37.31 2.91 38.96
C ILE B 504 -37.37 1.50 39.47
N SER B 505 -37.28 0.57 38.54
CA SER B 505 -37.34 -0.81 38.89
C SER B 505 -36.47 -1.66 37.96
N GLY B 506 -36.26 -2.92 38.34
CA GLY B 506 -35.50 -3.87 37.55
C GLY B 506 -36.41 -5.03 37.22
N GLN B 507 -36.16 -5.67 36.07
CA GLN B 507 -36.96 -6.80 35.62
C GLN B 507 -36.08 -7.96 35.29
N GLN B 508 -36.33 -9.09 35.94
CA GLN B 508 -35.62 -10.31 35.65
C GLN B 508 -34.13 -10.24 35.56
N LEU B 509 -33.52 -9.66 36.60
CA LEU B 509 -32.08 -9.59 36.69
C LEU B 509 -31.57 -11.03 36.82
N PRO B 510 -30.65 -11.44 35.94
CA PRO B 510 -30.11 -12.81 35.95
C PRO B 510 -29.31 -13.18 37.22
N LYS B 511 -29.37 -14.46 37.59
CA LYS B 511 -28.57 -14.95 38.71
C LYS B 511 -27.27 -15.45 38.07
N VAL B 512 -26.20 -14.72 38.34
CA VAL B 512 -24.86 -14.97 37.78
C VAL B 512 -24.11 -16.20 38.30
N ASN B 513 -23.48 -16.05 39.47
CA ASN B 513 -22.74 -17.12 40.14
C ASN B 513 -23.74 -18.23 40.49
N LYS B 514 -23.83 -19.23 39.59
CA LYS B 514 -24.72 -20.41 39.72
C LYS B 514 -24.76 -20.93 41.15
N ASN B 515 -23.53 -21.16 41.67
CA ASN B 515 -23.20 -21.63 43.02
C ASN B 515 -24.25 -21.20 43.94
N LYS B 516 -23.94 -20.06 44.57
CA LYS B 516 -24.77 -19.40 45.55
C LYS B 516 -26.27 -19.76 45.54
N ASN B 517 -26.72 -20.21 46.69
CA ASN B 517 -28.05 -20.73 46.92
C ASN B 517 -29.03 -19.69 46.68
N SER B 518 -28.48 -18.51 46.88
CA SER B 518 -29.16 -17.28 46.85
C SER B 518 -29.70 -16.80 45.51
N ILE B 519 -30.54 -15.79 45.68
CA ILE B 519 -31.23 -15.06 44.64
C ILE B 519 -30.58 -13.73 44.78
N VAL B 520 -30.52 -13.00 43.69
CA VAL B 520 -29.86 -11.72 43.68
C VAL B 520 -30.32 -10.70 44.70
N ASP B 521 -29.39 -9.84 45.10
CA ASP B 521 -29.66 -8.75 46.02
C ASP B 521 -29.09 -7.53 45.29
N PRO B 522 -29.80 -7.07 44.27
CA PRO B 522 -29.35 -6.01 43.41
C PRO B 522 -29.30 -4.58 43.89
N LYS B 523 -28.32 -3.87 43.36
CA LYS B 523 -28.15 -2.46 43.59
C LYS B 523 -27.70 -1.93 42.21
N VAL B 524 -27.95 -0.65 41.95
CA VAL B 524 -27.60 -0.07 40.65
C VAL B 524 -26.64 1.09 40.81
N ILE B 525 -25.68 1.13 39.90
CA ILE B 525 -24.70 2.20 39.92
C ILE B 525 -24.88 2.96 38.63
N VAL B 526 -24.81 4.28 38.72
CA VAL B 526 -24.97 5.11 37.53
C VAL B 526 -23.71 6.00 37.44
N GLU B 527 -23.02 5.91 36.30
CA GLU B 527 -21.80 6.70 36.11
C GLU B 527 -21.83 7.60 34.88
N ILE B 528 -21.17 8.74 35.03
CA ILE B 528 -21.01 9.65 33.95
C ILE B 528 -19.52 9.54 33.64
N HIS B 529 -19.21 9.26 32.39
CA HIS B 529 -17.84 9.20 31.90
C HIS B 529 -17.70 10.35 30.89
N GLY B 530 -16.61 11.09 30.93
CA GLY B 530 -16.44 12.21 30.02
C GLY B 530 -15.26 13.03 30.46
N VAL B 531 -15.28 14.33 30.23
CA VAL B 531 -14.16 15.14 30.66
C VAL B 531 -14.10 14.98 32.16
N GLY B 532 -12.90 15.09 32.71
CA GLY B 532 -12.68 14.86 34.13
C GLY B 532 -13.68 15.54 35.00
N ARG B 533 -13.95 16.79 34.70
CA ARG B 533 -14.90 17.60 35.46
C ARG B 533 -16.26 16.94 35.59
N ASP B 534 -16.64 16.18 34.58
CA ASP B 534 -17.94 15.60 34.52
C ASP B 534 -18.05 14.22 35.07
N THR B 535 -16.93 13.53 35.19
CA THR B 535 -16.99 12.15 35.66
C THR B 535 -17.67 12.10 37.02
N GLY B 536 -18.55 11.14 37.19
CA GLY B 536 -19.28 11.02 38.44
C GLY B 536 -19.85 9.61 38.54
N SER B 537 -20.24 9.23 39.76
CA SER B 537 -20.84 7.91 39.98
C SER B 537 -21.74 7.92 41.20
N ARG B 538 -22.86 7.22 41.11
CA ARG B 538 -23.82 7.19 42.20
C ARG B 538 -24.37 5.81 42.28
N GLN B 539 -24.77 5.42 43.48
CA GLN B 539 -25.37 4.10 43.64
C GLN B 539 -26.67 4.11 44.43
N THR B 540 -27.55 3.17 44.08
CA THR B 540 -28.79 3.03 44.79
C THR B 540 -28.55 2.12 45.97
N ALA B 541 -29.60 1.93 46.75
CA ALA B 541 -29.51 1.05 47.87
C ALA B 541 -29.62 -0.33 47.28
N VAL B 542 -29.43 -1.33 48.13
CA VAL B 542 -29.52 -2.73 47.75
C VAL B 542 -30.90 -3.29 48.08
N ILE B 543 -31.50 -4.04 47.18
CA ILE B 543 -32.82 -4.64 47.42
C ILE B 543 -32.49 -6.11 47.72
N THR B 544 -32.78 -6.58 48.92
CA THR B 544 -32.42 -7.94 49.24
C THR B 544 -33.33 -8.99 48.70
N ASN B 545 -32.73 -10.00 48.13
CA ASN B 545 -33.47 -11.10 47.61
C ASN B 545 -34.49 -10.83 46.55
N ASN B 546 -34.14 -10.06 45.53
CA ASN B 546 -35.09 -9.84 44.46
C ASN B 546 -34.42 -9.39 43.18
N GLY B 547 -34.48 -10.26 42.19
CA GLY B 547 -33.91 -9.93 40.91
C GLY B 547 -35.05 -9.93 39.93
N PHE B 548 -36.16 -10.52 40.33
CA PHE B 548 -37.33 -10.56 39.46
C PHE B 548 -37.97 -9.20 39.26
N ASN B 549 -38.00 -8.39 40.30
CA ASN B 549 -38.63 -7.10 40.16
C ASN B 549 -38.36 -6.18 41.28
N PRO B 550 -37.09 -6.00 41.58
CA PRO B 550 -36.70 -5.09 42.61
C PRO B 550 -37.26 -3.72 42.24
N ARG B 551 -37.45 -2.84 43.19
CA ARG B 551 -37.92 -1.49 42.91
C ARG B 551 -37.09 -0.56 43.75
N TRP B 552 -36.46 0.41 43.14
CA TRP B 552 -35.64 1.30 43.94
C TRP B 552 -36.28 2.66 44.03
N ASP B 553 -36.78 3.13 42.90
CA ASP B 553 -37.35 4.47 42.81
C ASP B 553 -36.40 5.50 43.38
N MET B 554 -35.17 5.50 42.85
CA MET B 554 -34.16 6.42 43.31
C MET B 554 -33.70 7.26 42.14
N GLU B 555 -33.52 8.56 42.37
CA GLU B 555 -33.14 9.45 41.31
C GLU B 555 -31.86 10.17 41.60
N PHE B 556 -31.05 10.35 40.57
CA PHE B 556 -29.79 11.06 40.72
C PHE B 556 -29.77 12.19 39.74
N GLU B 557 -29.12 13.27 40.11
CA GLU B 557 -28.96 14.36 39.18
C GLU B 557 -27.47 14.69 38.96
N PHE B 558 -27.08 14.81 37.69
CA PHE B 558 -25.70 15.12 37.33
C PHE B 558 -25.60 16.36 36.49
N GLU B 559 -24.57 17.17 36.72
CA GLU B 559 -24.29 18.32 35.88
C GLU B 559 -23.21 17.87 34.91
N VAL B 560 -23.43 18.07 33.63
CA VAL B 560 -22.48 17.66 32.61
C VAL B 560 -22.18 18.89 31.76
N THR B 561 -20.96 19.38 31.84
CA THR B 561 -20.57 20.57 31.12
C THR B 561 -20.18 20.28 29.68
N VAL B 562 -19.65 19.10 29.39
CA VAL B 562 -19.23 18.77 28.03
C VAL B 562 -19.90 17.50 27.53
N PRO B 563 -21.21 17.57 27.48
CA PRO B 563 -22.01 16.44 27.06
C PRO B 563 -21.58 15.81 25.79
N ASP B 564 -20.99 16.55 24.89
CA ASP B 564 -20.62 15.95 23.62
C ASP B 564 -19.61 14.84 23.75
N LEU B 565 -18.92 14.81 24.87
CA LEU B 565 -17.89 13.80 25.11
C LEU B 565 -18.33 12.82 26.21
N ALA B 566 -19.57 12.94 26.66
CA ALA B 566 -20.04 12.11 27.77
C ALA B 566 -20.78 10.83 27.42
N LEU B 567 -20.72 9.88 28.36
CA LEU B 567 -21.41 8.59 28.25
C LEU B 567 -21.99 8.33 29.61
N VAL B 568 -23.18 7.75 29.61
CA VAL B 568 -23.87 7.44 30.84
C VAL B 568 -23.89 5.93 30.96
N ARG B 569 -23.40 5.43 32.09
CA ARG B 569 -23.36 3.99 32.27
C ARG B 569 -24.23 3.50 33.40
N PHE B 570 -24.92 2.41 33.13
CA PHE B 570 -25.78 1.76 34.13
C PHE B 570 -25.17 0.42 34.45
N MET B 571 -24.89 0.20 35.71
CA MET B 571 -24.36 -1.10 36.11
C MET B 571 -25.10 -1.70 37.28
N VAL B 572 -25.39 -2.98 37.14
CA VAL B 572 -26.09 -3.71 38.18
C VAL B 572 -25.21 -4.78 38.85
N GLU B 573 -25.03 -4.61 40.15
CA GLU B 573 -24.24 -5.54 40.93
C GLU B 573 -25.09 -6.32 41.90
N ASP B 574 -24.57 -7.46 42.31
CA ASP B 574 -25.18 -8.29 43.31
C ASP B 574 -24.39 -8.12 44.59
N TYR B 575 -25.01 -7.54 45.60
CA TYR B 575 -24.32 -7.31 46.84
C TYR B 575 -23.97 -8.58 47.58
N ASP B 576 -22.84 -8.51 48.25
CA ASP B 576 -22.33 -9.59 49.05
C ASP B 576 -21.41 -8.94 50.04
N SER B 577 -21.85 -8.95 51.30
CA SER B 577 -21.15 -8.31 52.40
C SER B 577 -19.87 -9.03 52.71
N SER B 578 -19.85 -10.32 52.33
CA SER B 578 -18.71 -11.22 52.57
C SER B 578 -17.63 -11.21 51.48
N SER B 579 -18.02 -10.95 50.23
CA SER B 579 -17.08 -10.89 49.13
C SER B 579 -17.25 -9.59 48.33
N LYS B 580 -16.57 -9.48 47.20
CA LYS B 580 -16.76 -8.30 46.37
C LYS B 580 -18.03 -8.63 45.62
N ASN B 581 -18.86 -7.64 45.34
CA ASN B 581 -20.11 -7.93 44.66
C ASN B 581 -19.97 -8.37 43.23
N ASP B 582 -20.86 -9.26 42.80
CA ASP B 582 -20.86 -9.76 41.44
C ASP B 582 -21.55 -8.78 40.49
N PHE B 583 -21.06 -8.77 39.27
CA PHE B 583 -21.58 -7.95 38.22
C PHE B 583 -22.76 -8.72 37.70
N ILE B 584 -23.87 -8.04 37.45
CA ILE B 584 -25.03 -8.72 36.89
C ILE B 584 -25.20 -8.35 35.42
N GLY B 585 -25.18 -7.05 35.15
CA GLY B 585 -25.41 -6.55 33.80
C GLY B 585 -25.06 -5.08 33.75
N GLN B 586 -25.00 -4.56 32.53
CA GLN B 586 -24.55 -3.20 32.32
C GLN B 586 -25.06 -2.70 31.00
N SER B 587 -24.98 -1.38 30.84
CA SER B 587 -25.32 -0.70 29.60
C SER B 587 -24.74 0.69 29.64
N THR B 588 -24.06 1.03 28.56
CA THR B 588 -23.40 2.33 28.41
C THR B 588 -23.96 3.04 27.22
N ILE B 589 -24.40 4.27 27.44
CA ILE B 589 -25.05 5.06 26.40
C ILE B 589 -24.42 6.41 26.20
N PRO B 590 -23.92 6.61 24.99
CA PRO B 590 -23.31 7.89 24.64
C PRO B 590 -24.38 8.97 24.83
N TRP B 591 -24.00 10.07 25.45
CA TRP B 591 -24.90 11.16 25.73
C TRP B 591 -25.95 11.52 24.67
N ASN B 592 -25.50 11.82 23.46
CA ASN B 592 -26.44 12.18 22.39
C ASN B 592 -27.30 11.03 21.91
N SER B 593 -27.15 9.86 22.51
CA SER B 593 -28.00 8.75 22.06
C SER B 593 -28.99 8.38 23.16
N LEU B 594 -28.85 9.09 24.26
CA LEU B 594 -29.68 8.90 25.44
C LEU B 594 -31.11 9.40 25.21
N LYS B 595 -32.07 8.50 25.23
CA LYS B 595 -33.46 8.90 25.04
C LYS B 595 -34.11 9.33 26.35
N GLN B 596 -35.01 10.32 26.29
CA GLN B 596 -35.70 10.81 27.49
C GLN B 596 -37.04 10.19 27.81
N GLY B 597 -37.53 10.50 29.02
CA GLY B 597 -38.81 9.96 29.44
C GLY B 597 -38.71 8.57 30.06
N TYR B 598 -39.74 7.77 29.85
CA TYR B 598 -39.75 6.44 30.41
C TYR B 598 -39.12 5.52 29.42
N ARG B 599 -38.12 4.77 29.85
CA ARG B 599 -37.48 3.81 28.95
C ARG B 599 -36.95 2.62 29.74
N HIS B 600 -36.60 1.58 29.01
CA HIS B 600 -35.97 0.41 29.60
C HIS B 600 -34.52 0.32 29.16
N VAL B 601 -33.64 0.07 30.11
CA VAL B 601 -32.22 -0.12 29.81
C VAL B 601 -32.04 -1.61 29.70
N HIS B 602 -31.69 -2.09 28.51
CA HIS B 602 -31.49 -3.51 28.30
C HIS B 602 -30.07 -3.96 28.67
N LEU B 603 -29.95 -4.68 29.77
CA LEU B 603 -28.67 -5.10 30.29
C LEU B 603 -27.87 -6.07 29.45
N LEU B 604 -26.55 -5.82 29.44
CA LEU B 604 -25.62 -6.72 28.74
C LEU B 604 -24.74 -7.49 29.73
N SER B 605 -24.26 -8.64 29.28
CA SER B 605 -23.34 -9.47 30.07
C SER B 605 -21.92 -8.92 29.98
N LYS B 606 -21.03 -9.49 30.79
CA LYS B 606 -19.61 -9.17 30.87
C LYS B 606 -19.01 -9.22 29.48
N ASN B 607 -19.52 -10.16 28.67
CA ASN B 607 -19.00 -10.34 27.33
C ASN B 607 -19.70 -9.56 26.25
N GLY B 608 -20.55 -8.61 26.65
CA GLY B 608 -21.26 -7.79 25.67
C GLY B 608 -22.50 -8.45 25.11
N ASP B 609 -22.81 -9.64 25.56
CA ASP B 609 -24.01 -10.27 25.06
C ASP B 609 -25.24 -9.61 25.68
N GLN B 610 -26.28 -9.52 24.88
CA GLN B 610 -27.55 -8.93 25.28
C GLN B 610 -28.32 -9.91 26.17
N HIS B 611 -28.77 -9.48 27.35
CA HIS B 611 -29.57 -10.36 28.20
C HIS B 611 -31.00 -10.18 27.73
N PRO B 612 -31.52 -11.21 27.09
CA PRO B 612 -32.88 -11.20 26.55
C PRO B 612 -33.97 -10.53 27.40
N SER B 613 -34.02 -10.85 28.71
CA SER B 613 -35.07 -10.30 29.55
C SER B 613 -34.66 -9.43 30.68
N ALA B 614 -33.37 -9.18 30.86
CA ALA B 614 -32.94 -8.37 31.99
C ALA B 614 -32.92 -6.90 31.64
N THR B 615 -33.72 -6.10 32.33
CA THR B 615 -33.78 -4.66 32.07
C THR B 615 -33.91 -3.88 33.33
N LEU B 616 -33.73 -2.59 33.19
CA LEU B 616 -33.92 -1.65 34.27
C LEU B 616 -34.96 -0.71 33.69
N PHE B 617 -35.91 -0.26 34.49
CA PHE B 617 -36.91 0.66 33.98
C PHE B 617 -36.58 1.97 34.60
N VAL B 618 -36.40 3.00 33.76
CA VAL B 618 -36.00 4.33 34.26
C VAL B 618 -36.77 5.47 33.60
N LYS B 619 -36.62 6.65 34.19
CA LYS B 619 -37.18 7.85 33.60
C LYS B 619 -36.03 8.85 33.53
N ILE B 620 -35.71 9.29 32.31
CA ILE B 620 -34.60 10.17 32.03
C ILE B 620 -35.06 11.51 31.61
N SER B 621 -34.33 12.51 32.07
CA SER B 621 -34.61 13.87 31.72
C SER B 621 -33.34 14.72 31.64
N ILE B 622 -33.17 15.40 30.50
CA ILE B 622 -32.02 16.27 30.28
C ILE B 622 -32.52 17.69 30.09
N GLN B 623 -31.90 18.66 30.78
CA GLN B 623 -32.27 20.08 30.72
C GLN B 623 -31.08 21.02 30.65
N ASP B 624 -31.35 22.32 30.55
CA ASP B 624 -30.28 23.32 30.55
C ASP B 624 -30.02 24.00 31.90
C ACT C . 27.31 -11.19 -20.11
O ACT C . 26.78 -10.55 -21.04
OXT ACT C . 26.90 -11.09 -18.93
CH3 ACT C . 28.47 -12.14 -20.45
C ACT D . -17.86 -5.61 33.72
O ACT D . -18.32 -5.57 32.55
OXT ACT D . -17.80 -4.60 34.48
CH3 ACT D . -17.38 -6.94 34.30
#